data_2GF2
#
_entry.id   2GF2
#
_cell.length_a   50.053
_cell.length_b   122.745
_cell.length_c   200.397
_cell.angle_alpha   90.00
_cell.angle_beta   90.00
_cell.angle_gamma   90.00
#
_symmetry.space_group_name_H-M   'P 21 21 21'
#
loop_
_entity.id
_entity.type
_entity.pdbx_description
1 polymer '3-hydroxyisobutyrate dehydrogenase'
2 water water
#
_entity_poly.entity_id   1
_entity_poly.type   'polypeptide(L)'
_entity_poly.pdbx_seq_one_letter_code
;MPVGFIGLGNMGNPMAKNLMKHGYPLIIYDVFPDACKEFQDAGEQVVSSPADVAEKADRIITMLPTSINAIEAYSGANGI
LKKVKKGSLLIDSSTIDPAVSKELAKEVEKMGAVFMDAPVSGGVGAARSGNLTFMVGGVEDEFAAAQELLGCMGSNVVYC
GAVGTGQAAKICNNMLLAISMIGTAEAMNLGIRLGLDPKLLAKILNMSSGRCWSSDTYNPVPGVMDGVPSANNYQGGFGT
TLMAKDLGLAQDSATSTKSPILLGSLAHQIYRMMCAKGYSKKDFSSVFQFLREEET
;
_entity_poly.pdbx_strand_id   A,B,C,D
#
# COMPACT_ATOMS: atom_id res chain seq x y z
N MET A 1 -6.66 43.64 30.35
CA MET A 1 -5.46 43.32 29.50
C MET A 1 -5.83 42.41 28.32
N PRO A 2 -5.85 42.98 27.10
CA PRO A 2 -6.45 42.37 25.91
C PRO A 2 -5.66 41.24 25.26
N VAL A 3 -6.36 40.30 24.65
CA VAL A 3 -5.80 39.16 23.94
C VAL A 3 -6.17 39.27 22.46
N GLY A 4 -5.21 39.15 21.56
CA GLY A 4 -5.49 39.16 20.14
C GLY A 4 -6.01 37.82 19.64
N PHE A 5 -6.93 37.86 18.68
CA PHE A 5 -7.40 36.64 18.05
C PHE A 5 -7.49 36.83 16.54
N ILE A 6 -6.77 35.98 15.81
CA ILE A 6 -6.72 36.05 14.36
C ILE A 6 -7.23 34.73 13.74
N GLY A 7 -8.33 34.84 13.00
CA GLY A 7 -8.97 33.69 12.37
C GLY A 7 -10.18 33.27 13.17
N LEU A 8 -11.36 33.51 12.60
CA LEU A 8 -12.61 33.23 13.29
C LEU A 8 -13.52 32.32 12.48
N GLY A 9 -12.98 31.20 12.03
CA GLY A 9 -13.76 30.17 11.34
C GLY A 9 -14.60 29.35 12.30
N ASN A 10 -14.99 28.16 11.88
CA ASN A 10 -15.82 27.26 12.68
C ASN A 10 -15.17 26.85 14.01
N MET A 11 -13.85 27.04 14.12
CA MET A 11 -13.12 26.74 15.35
C MET A 11 -12.74 28.04 16.07
N GLY A 12 -12.23 29.01 15.33
CA GLY A 12 -11.78 30.28 15.91
C GLY A 12 -12.88 31.02 16.65
N ASN A 13 -14.06 31.06 16.04
CA ASN A 13 -15.23 31.74 16.61
C ASN A 13 -15.62 31.25 18.02
N PRO A 14 -15.93 29.94 18.18
CA PRO A 14 -16.21 29.47 19.54
C PRO A 14 -15.02 29.55 20.51
N MET A 15 -13.78 29.48 20.00
CA MET A 15 -12.61 29.61 20.86
C MET A 15 -12.52 31.01 21.47
N ALA A 16 -12.70 32.02 20.61
CA ALA A 16 -12.68 33.42 21.00
C ALA A 16 -13.80 33.72 22.00
N LYS A 17 -14.96 33.12 21.78
CA LYS A 17 -16.11 33.28 22.66
C LYS A 17 -15.88 32.76 24.06
N ASN A 18 -15.15 31.64 24.17
CA ASN A 18 -14.76 31.10 25.46
C ASN A 18 -13.75 31.97 26.22
N LEU A 19 -12.91 32.70 25.50
CA LEU A 19 -12.04 33.68 26.11
C LEU A 19 -12.85 34.85 26.69
N MET A 20 -13.88 35.26 25.96
CA MET A 20 -14.78 36.33 26.42
C MET A 20 -15.58 35.90 27.65
N LYS A 21 -15.96 34.62 27.69
CA LYS A 21 -16.66 34.05 28.83
C LYS A 21 -15.79 34.06 30.09
N HIS A 22 -14.48 34.06 29.90
CA HIS A 22 -13.53 34.10 31.00
C HIS A 22 -13.09 35.52 31.35
N GLY A 23 -13.62 36.51 30.63
CA GLY A 23 -13.43 37.91 30.98
C GLY A 23 -12.35 38.63 30.17
N TYR A 24 -11.81 37.96 29.16
CA TYR A 24 -10.75 38.55 28.35
C TYR A 24 -11.28 39.51 27.30
N PRO A 25 -10.78 40.76 27.31
CA PRO A 25 -11.03 41.69 26.21
C PRO A 25 -10.26 41.20 24.98
N LEU A 26 -10.87 41.31 23.81
CA LEU A 26 -10.29 40.75 22.59
C LEU A 26 -10.02 41.81 21.52
N ILE A 27 -8.90 41.62 20.80
CA ILE A 27 -8.59 42.37 19.59
C ILE A 27 -8.61 41.43 18.39
N ILE A 28 -9.54 41.68 17.47
CA ILE A 28 -9.96 40.71 16.46
C ILE A 28 -9.48 41.07 15.05
N TYR A 29 -9.09 40.03 14.31
CA TYR A 29 -8.96 40.11 12.86
C TYR A 29 -9.32 38.79 12.17
N ASP A 30 -10.05 38.93 11.05
CA ASP A 30 -10.25 37.86 10.10
C ASP A 30 -10.27 38.48 8.72
N VAL A 31 -9.74 37.78 7.72
CA VAL A 31 -9.72 38.27 6.34
C VAL A 31 -11.16 38.50 5.81
N PHE A 32 -12.12 37.77 6.37
CA PHE A 32 -13.53 37.96 6.10
C PHE A 32 -14.16 38.91 7.13
N PRO A 33 -14.50 40.14 6.70
CA PRO A 33 -15.07 41.14 7.60
C PRO A 33 -16.42 40.71 8.21
N ASP A 34 -17.15 39.85 7.48
CA ASP A 34 -18.44 39.34 7.94
C ASP A 34 -18.32 38.46 9.19
N ALA A 35 -17.18 37.77 9.30
CA ALA A 35 -16.90 36.91 10.45
C ALA A 35 -16.51 37.71 11.69
N CYS A 36 -16.28 39.01 11.51
CA CYS A 36 -15.88 39.90 12.59
C CYS A 36 -17.04 40.69 13.17
N LYS A 37 -18.08 40.89 12.38
CA LYS A 37 -19.24 41.71 12.76
C LYS A 37 -19.91 41.27 14.05
N GLU A 38 -20.02 39.96 14.24
CA GLU A 38 -20.60 39.36 15.45
C GLU A 38 -19.90 39.83 16.74
N PHE A 39 -18.58 39.91 16.68
CA PHE A 39 -17.74 40.29 17.82
C PHE A 39 -17.71 41.80 18.04
N GLN A 40 -17.82 42.55 16.95
CA GLN A 40 -17.87 44.01 17.01
C GLN A 40 -19.16 44.48 17.69
N ASP A 41 -20.26 43.79 17.39
CA ASP A 41 -21.58 44.08 17.96
C ASP A 41 -21.63 43.88 19.47
N ALA A 42 -20.57 43.32 20.03
CA ALA A 42 -20.54 42.91 21.44
C ALA A 42 -19.42 43.56 22.26
N GLY A 43 -18.76 44.57 21.70
CA GLY A 43 -17.77 45.35 22.43
C GLY A 43 -16.34 44.89 22.34
N GLU A 44 -16.04 44.02 21.39
CA GLU A 44 -14.66 43.62 21.14
C GLU A 44 -14.09 44.47 20.01
N GLN A 45 -12.80 44.79 20.10
CA GLN A 45 -12.17 45.68 19.13
C GLN A 45 -11.75 44.91 17.88
N VAL A 46 -12.33 45.31 16.75
CA VAL A 46 -11.98 44.72 15.46
C VAL A 46 -11.02 45.67 14.74
N VAL A 47 -9.87 45.13 14.31
CA VAL A 47 -8.87 45.91 13.58
C VAL A 47 -8.70 45.42 12.13
N SER A 48 -7.81 46.07 11.38
CA SER A 48 -7.75 45.89 9.93
C SER A 48 -6.68 44.90 9.44
N SER A 49 -5.73 44.56 10.30
CA SER A 49 -4.65 43.63 9.96
C SER A 49 -4.14 42.86 11.18
N PRO A 50 -3.46 41.72 10.96
CA PRO A 50 -2.75 41.04 12.06
C PRO A 50 -1.71 41.92 12.75
N ALA A 51 -1.03 42.78 11.98
CA ALA A 51 -0.09 43.76 12.52
C ALA A 51 -0.79 44.68 13.52
N ASP A 52 -1.99 45.11 13.16
CA ASP A 52 -2.77 46.00 14.01
C ASP A 52 -3.25 45.30 15.29
N VAL A 53 -3.42 43.99 15.23
CA VAL A 53 -3.69 43.17 16.42
C VAL A 53 -2.47 43.19 17.36
N ALA A 54 -1.28 42.96 16.78
CA ALA A 54 -0.02 42.93 17.51
C ALA A 54 0.35 44.29 18.12
N GLU A 55 -0.13 45.35 17.48
CA GLU A 55 0.09 46.72 17.91
C GLU A 55 -0.60 47.00 19.25
N LYS A 56 -1.68 46.25 19.52
CA LYS A 56 -2.53 46.50 20.67
C LYS A 56 -2.60 45.36 21.69
N ALA A 57 -2.09 44.18 21.33
CA ALA A 57 -2.13 43.01 22.22
C ALA A 57 -0.76 42.35 22.39
N ASP A 58 -0.41 42.03 23.63
CA ASP A 58 0.86 41.35 23.94
C ASP A 58 0.70 39.82 24.04
N ARG A 59 -0.53 39.34 23.89
CA ARG A 59 -0.77 37.91 23.68
C ARG A 59 -1.76 37.67 22.57
N ILE A 60 -1.36 36.85 21.60
CA ILE A 60 -2.15 36.63 20.40
C ILE A 60 -2.31 35.14 20.13
N ILE A 61 -3.54 34.77 19.78
CA ILE A 61 -3.83 33.43 19.32
C ILE A 61 -4.18 33.51 17.84
N THR A 62 -3.58 32.61 17.06
CA THR A 62 -3.89 32.49 15.66
C THR A 62 -4.51 31.13 15.39
N MET A 63 -5.60 31.14 14.62
CA MET A 63 -6.35 29.93 14.29
C MET A 63 -6.67 29.97 12.79
N LEU A 64 -5.77 29.41 12.00
CA LEU A 64 -5.85 29.49 10.53
C LEU A 64 -5.92 28.13 9.85
N PRO A 65 -6.50 28.08 8.63
CA PRO A 65 -6.78 26.82 7.94
C PRO A 65 -5.56 26.12 7.35
N THR A 66 -4.50 26.88 7.06
CA THR A 66 -3.37 26.35 6.26
C THR A 66 -2.01 26.90 6.69
N SER A 67 -0.95 26.20 6.27
CA SER A 67 0.43 26.66 6.46
C SER A 67 0.66 28.05 5.84
N ILE A 68 0.17 28.26 4.63
CA ILE A 68 0.29 29.53 3.91
C ILE A 68 -0.40 30.69 4.63
N ASN A 69 -1.65 30.49 5.06
CA ASN A 69 -2.39 31.49 5.81
C ASN A 69 -1.71 31.84 7.12
N ALA A 70 -1.13 30.83 7.76
CA ALA A 70 -0.41 31.00 9.02
C ALA A 70 0.82 31.88 8.87
N ILE A 71 1.67 31.58 7.89
CA ILE A 71 2.87 32.38 7.67
C ILE A 71 2.55 33.80 7.17
N GLU A 72 1.45 33.96 6.46
CA GLU A 72 1.01 35.28 6.01
C GLU A 72 0.55 36.12 7.20
N ALA A 73 -0.12 35.48 8.17
CA ALA A 73 -0.59 36.16 9.37
C ALA A 73 0.56 36.66 10.25
N TYR A 74 1.68 35.95 10.20
CA TYR A 74 2.88 36.30 10.96
C TYR A 74 3.85 37.15 10.14
N SER A 75 4.26 36.62 9.01
CA SER A 75 5.35 37.15 8.20
C SER A 75 4.90 38.03 7.04
N GLY A 76 3.58 38.13 6.83
CA GLY A 76 3.04 38.93 5.73
C GLY A 76 3.30 40.42 5.87
N ALA A 77 2.91 41.18 4.84
CA ALA A 77 3.12 42.63 4.77
C ALA A 77 2.45 43.41 5.92
N ASN A 78 1.33 42.88 6.40
CA ASN A 78 0.65 43.45 7.54
C ASN A 78 0.48 42.39 8.63
N GLY A 79 1.49 41.52 8.73
CA GLY A 79 1.50 40.40 9.66
C GLY A 79 1.90 40.82 11.04
N ILE A 80 1.70 39.92 12.00
CA ILE A 80 1.94 40.16 13.43
C ILE A 80 3.31 40.79 13.66
N LEU A 81 4.28 40.25 12.93
CA LEU A 81 5.68 40.57 13.13
C LEU A 81 6.02 42.04 12.86
N LYS A 82 5.18 42.73 12.10
CA LYS A 82 5.42 44.14 11.79
C LYS A 82 5.24 45.06 13.00
N LYS A 83 4.41 44.63 13.97
CA LYS A 83 4.07 45.49 15.09
C LYS A 83 4.09 44.76 16.45
N VAL A 84 4.67 43.56 16.47
CA VAL A 84 4.77 42.76 17.70
C VAL A 84 5.70 43.43 18.72
N LYS A 85 5.24 43.56 19.96
CA LYS A 85 6.04 44.12 21.04
C LYS A 85 6.85 43.02 21.75
N LYS A 86 7.99 43.42 22.32
CA LYS A 86 8.86 42.51 23.08
C LYS A 86 8.12 41.90 24.28
N GLY A 87 8.40 40.63 24.51
CA GLY A 87 7.76 39.87 25.59
C GLY A 87 6.38 39.35 25.28
N SER A 88 5.93 39.59 24.04
CA SER A 88 4.65 39.10 23.53
C SER A 88 4.59 37.58 23.49
N LEU A 89 3.46 37.03 23.90
CA LEU A 89 3.19 35.61 23.77
C LEU A 89 2.31 35.36 22.56
N LEU A 90 2.81 34.60 21.65
CA LEU A 90 2.09 34.28 20.43
C LEU A 90 1.85 32.79 20.35
N ILE A 91 0.61 32.38 20.20
CA ILE A 91 0.22 30.97 20.22
C ILE A 91 -0.53 30.66 18.94
N ASP A 92 0.03 29.75 18.15
CA ASP A 92 -0.59 29.32 16.92
C ASP A 92 -1.28 27.98 17.07
N SER A 93 -2.60 28.01 17.01
CA SER A 93 -3.41 26.82 17.19
C SER A 93 -3.78 26.17 15.86
N SER A 94 -3.35 26.79 14.76
CA SER A 94 -3.44 26.21 13.43
C SER A 94 -2.74 24.86 13.43
N THR A 95 -3.20 23.95 12.59
CA THR A 95 -2.48 22.72 12.36
C THR A 95 -1.67 22.86 11.07
N ILE A 96 -0.35 22.87 11.25
CA ILE A 96 0.60 23.14 10.16
C ILE A 96 1.84 22.25 10.32
N ASP A 97 2.68 22.27 9.29
CA ASP A 97 3.93 21.55 9.32
C ASP A 97 4.80 21.98 10.53
N PRO A 98 5.29 20.99 11.31
CA PRO A 98 6.18 21.24 12.46
C PRO A 98 7.37 22.13 12.10
N ALA A 99 7.99 21.88 10.95
CA ALA A 99 9.10 22.69 10.44
C ALA A 99 8.76 24.16 10.20
N VAL A 100 7.53 24.42 9.78
CA VAL A 100 7.02 25.79 9.61
C VAL A 100 6.85 26.51 10.95
N SER A 101 6.34 25.77 11.95
CA SER A 101 6.23 26.27 13.32
C SER A 101 7.59 26.73 13.86
N LYS A 102 8.62 25.90 13.63
CA LYS A 102 10.00 26.23 13.99
C LYS A 102 10.53 27.50 13.31
N GLU A 103 10.27 27.61 12.01
CA GLU A 103 10.66 28.79 11.22
C GLU A 103 9.99 30.03 11.79
N LEU A 104 8.69 29.94 12.05
CA LEU A 104 7.94 31.05 12.63
C LEU A 104 8.51 31.45 13.98
N ALA A 105 8.82 30.46 14.81
CA ALA A 105 9.37 30.69 16.13
C ALA A 105 10.68 31.47 16.08
N LYS A 106 11.55 31.11 15.13
CA LYS A 106 12.83 31.80 14.95
C LYS A 106 12.63 33.26 14.58
N GLU A 107 11.61 33.53 13.77
CA GLU A 107 11.29 34.90 13.36
C GLU A 107 10.71 35.74 14.49
N VAL A 108 9.87 35.15 15.23
CA VAL A 108 9.25 35.76 16.41
C VAL A 108 10.32 36.10 17.44
N GLU A 109 11.23 35.24 17.59
CA GLU A 109 12.31 35.36 18.55
C GLU A 109 13.23 36.54 18.22
N LYS A 110 13.50 36.75 16.93
CA LYS A 110 14.24 37.92 16.46
C LYS A 110 13.59 39.22 16.94
N MET A 111 12.27 39.21 17.08
CA MET A 111 11.53 40.36 17.55
C MET A 111 11.40 40.40 19.08
N GLY A 112 12.11 39.50 19.76
CA GLY A 112 12.12 39.42 21.22
C GLY A 112 10.82 38.93 21.84
N ALA A 113 10.06 38.17 21.06
CA ALA A 113 8.80 37.61 21.51
C ALA A 113 8.88 36.08 21.55
N VAL A 114 7.81 35.45 22.03
CA VAL A 114 7.77 34.00 22.22
C VAL A 114 6.69 33.38 21.35
N PHE A 115 7.04 32.31 20.64
CA PHE A 115 6.09 31.55 19.82
C PHE A 115 5.85 30.16 20.38
N MET A 116 4.60 29.74 20.45
CA MET A 116 4.28 28.36 20.80
C MET A 116 3.23 27.80 19.83
N ASP A 117 3.45 26.56 19.39
CA ASP A 117 2.48 25.84 18.60
C ASP A 117 1.51 25.13 19.53
N ALA A 118 0.21 25.30 19.31
CA ALA A 118 -0.79 24.65 20.13
C ALA A 118 -1.98 24.16 19.30
N PRO A 119 -1.74 23.25 18.33
CA PRO A 119 -2.82 22.67 17.53
C PRO A 119 -3.86 21.95 18.40
N VAL A 120 -5.10 21.95 17.94
CA VAL A 120 -6.21 21.37 18.70
C VAL A 120 -6.78 20.10 18.10
N SER A 121 -7.20 19.19 18.97
CA SER A 121 -8.01 18.04 18.60
C SER A 121 -9.37 18.19 19.28
N GLY A 122 -10.44 17.96 18.52
CA GLY A 122 -11.75 17.86 19.14
C GLY A 122 -12.91 18.26 18.26
N GLY A 123 -12.70 19.23 17.38
CA GLY A 123 -13.75 19.64 16.47
C GLY A 123 -14.74 20.62 17.08
N VAL A 124 -15.68 21.06 16.25
CA VAL A 124 -16.51 22.24 16.56
C VAL A 124 -17.35 22.04 17.81
N GLY A 125 -17.70 20.80 18.11
CA GLY A 125 -18.43 20.48 19.34
C GLY A 125 -17.61 20.78 20.58
N ALA A 126 -16.38 20.25 20.59
CA ALA A 126 -15.43 20.49 21.68
C ALA A 126 -14.97 21.95 21.74
N ALA A 127 -14.85 22.56 20.57
CA ALA A 127 -14.54 24.00 20.46
C ALA A 127 -15.58 24.83 21.16
N ARG A 128 -16.84 24.48 20.94
CA ARG A 128 -17.98 25.17 21.55
C ARG A 128 -18.06 24.95 23.05
N SER A 129 -17.94 23.70 23.48
CA SER A 129 -18.09 23.36 24.89
C SER A 129 -16.85 23.70 25.72
N GLY A 130 -15.72 23.90 25.05
CA GLY A 130 -14.46 24.17 25.74
C GLY A 130 -13.77 22.89 26.18
N ASN A 131 -14.00 21.82 25.42
CA ASN A 131 -13.43 20.51 25.74
C ASN A 131 -12.35 20.04 24.76
N LEU A 132 -11.68 21.02 24.13
CA LEU A 132 -10.57 20.78 23.21
C LEU A 132 -9.34 20.21 23.90
N THR A 133 -8.55 19.45 23.17
CA THR A 133 -7.20 19.14 23.62
C THR A 133 -6.20 20.03 22.87
N PHE A 134 -5.36 20.72 23.65
CA PHE A 134 -4.26 21.49 23.11
C PHE A 134 -2.98 20.72 23.29
N MET A 135 -2.24 20.60 22.24
CA MET A 135 -0.95 19.96 22.24
C MET A 135 0.09 21.04 21.94
N VAL A 136 0.91 21.31 22.97
CA VAL A 136 1.68 22.56 23.03
C VAL A 136 3.19 22.33 22.96
N GLY A 137 3.82 22.94 21.96
CA GLY A 137 5.27 22.97 21.83
C GLY A 137 5.84 24.35 22.10
N GLY A 138 7.08 24.40 22.58
CA GLY A 138 7.74 25.67 22.89
C GLY A 138 8.61 25.59 24.13
N VAL A 139 9.19 26.74 24.49
CA VAL A 139 9.99 26.89 25.71
C VAL A 139 9.09 26.62 26.90
N GLU A 140 9.47 25.66 27.76
CA GLU A 140 8.55 25.22 28.82
C GLU A 140 8.31 26.22 29.93
N ASP A 141 9.22 27.19 30.07
CA ASP A 141 9.05 28.30 31.00
C ASP A 141 7.76 29.05 30.69
N GLU A 142 7.40 29.07 29.41
CA GLU A 142 6.22 29.80 28.95
C GLU A 142 4.92 28.99 28.94
N PHE A 143 5.01 27.69 29.22
CA PHE A 143 3.83 26.81 29.14
C PHE A 143 2.75 27.18 30.14
N ALA A 144 3.14 27.44 31.38
CA ALA A 144 2.20 27.79 32.44
C ALA A 144 1.36 29.02 32.07
N ALA A 145 2.02 30.01 31.48
CA ALA A 145 1.37 31.23 31.01
C ALA A 145 0.38 30.90 29.90
N ALA A 146 0.82 30.10 28.92
CA ALA A 146 -0.03 29.67 27.83
C ALA A 146 -1.23 28.87 28.34
N GLN A 147 -1.00 28.02 29.34
CA GLN A 147 -2.03 27.13 29.86
C GLN A 147 -3.20 27.90 30.47
N GLU A 148 -2.90 29.07 31.01
CA GLU A 148 -3.92 29.96 31.59
C GLU A 148 -4.91 30.43 30.53
N LEU A 149 -4.41 30.73 29.34
CA LEU A 149 -5.25 31.12 28.22
C LEU A 149 -5.97 29.93 27.58
N LEU A 150 -5.21 28.88 27.25
CA LEU A 150 -5.73 27.72 26.54
C LEU A 150 -6.75 26.94 27.35
N GLY A 151 -6.54 26.89 28.67
CA GLY A 151 -7.46 26.22 29.61
C GLY A 151 -8.87 26.77 29.62
N CYS A 152 -9.02 28.00 29.12
CA CYS A 152 -10.33 28.63 28.92
C CYS A 152 -11.06 28.05 27.71
N MET A 153 -10.31 27.41 26.81
CA MET A 153 -10.83 26.97 25.52
C MET A 153 -10.81 25.45 25.40
N GLY A 154 -10.05 24.80 26.27
CA GLY A 154 -9.89 23.34 26.23
C GLY A 154 -9.88 22.71 27.61
N SER A 155 -10.21 21.41 27.65
CA SER A 155 -10.21 20.65 28.91
C SER A 155 -8.88 19.98 29.18
N ASN A 156 -8.10 19.71 28.13
CA ASN A 156 -6.74 19.19 28.28
C ASN A 156 -5.73 20.04 27.55
N VAL A 157 -4.66 20.40 28.24
CA VAL A 157 -3.58 21.20 27.68
C VAL A 157 -2.30 20.46 28.01
N VAL A 158 -1.63 19.91 26.99
CA VAL A 158 -0.51 19.02 27.19
C VAL A 158 0.76 19.61 26.61
N TYR A 159 1.80 19.67 27.43
CA TYR A 159 3.11 20.12 26.98
C TYR A 159 3.84 18.98 26.27
N CYS A 160 4.20 19.19 25.01
CA CYS A 160 4.76 18.14 24.16
C CYS A 160 6.28 18.25 23.96
N GLY A 161 6.85 19.39 24.34
CA GLY A 161 8.28 19.63 24.20
C GLY A 161 8.56 20.95 23.49
N ALA A 162 9.67 21.01 22.77
CA ALA A 162 10.07 22.20 22.03
C ALA A 162 9.11 22.55 20.87
N VAL A 163 9.28 23.72 20.25
CA VAL A 163 8.38 24.17 19.19
C VAL A 163 8.30 23.12 18.09
N GLY A 164 7.08 22.86 17.63
CA GLY A 164 6.85 21.89 16.57
C GLY A 164 6.38 20.56 17.12
N THR A 165 6.59 20.32 18.42
CA THR A 165 6.25 19.03 19.02
C THR A 165 4.74 18.86 19.23
N GLY A 166 4.04 19.99 19.35
CA GLY A 166 2.58 20.00 19.40
C GLY A 166 2.00 19.60 18.06
N GLN A 167 2.47 20.25 16.98
CA GLN A 167 2.12 19.83 15.62
C GLN A 167 2.47 18.36 15.39
N ALA A 168 3.65 17.96 15.83
CA ALA A 168 4.11 16.57 15.67
C ALA A 168 3.13 15.56 16.31
N ALA A 169 2.79 15.81 17.57
CA ALA A 169 1.86 14.97 18.33
C ALA A 169 0.49 14.83 17.69
N LYS A 170 -0.06 15.96 17.24
CA LYS A 170 -1.35 15.97 16.60
C LYS A 170 -1.37 15.23 15.26
N ILE A 171 -0.33 15.45 14.46
CA ILE A 171 -0.17 14.78 13.19
C ILE A 171 -0.04 13.25 13.30
N CYS A 172 0.74 12.79 14.28
CA CYS A 172 0.92 11.36 14.54
C CYS A 172 -0.39 10.74 15.03
N ASN A 173 -1.10 11.43 15.91
CA ASN A 173 -2.40 10.94 16.35
C ASN A 173 -3.39 10.76 15.20
N ASN A 174 -3.49 11.77 14.34
CA ASN A 174 -4.42 11.71 13.23
C ASN A 174 -4.06 10.70 12.17
N MET A 175 -2.76 10.45 11.98
CA MET A 175 -2.33 9.39 11.07
C MET A 175 -2.78 8.02 11.61
N LEU A 176 -2.57 7.77 12.89
CA LEU A 176 -3.00 6.52 13.53
C LEU A 176 -4.53 6.37 13.51
N LEU A 177 -5.24 7.42 13.75
CA LEU A 177 -6.68 7.44 13.55
C LEU A 177 -7.07 7.10 12.10
N ALA A 178 -6.52 7.71 11.13
CA ALA A 178 -6.85 7.41 9.74
C ALA A 178 -6.66 5.94 9.44
N ILE A 179 -5.49 5.42 9.83
CA ILE A 179 -5.14 4.00 9.64
C ILE A 179 -6.18 3.08 10.28
N SER A 180 -6.53 3.38 11.53
CA SER A 180 -7.47 2.56 12.30
C SER A 180 -8.92 2.70 11.83
N MET A 181 -9.30 3.90 11.40
CA MET A 181 -10.64 4.10 10.85
C MET A 181 -10.79 3.33 9.53
N ILE A 182 -9.79 3.41 8.66
CA ILE A 182 -9.82 2.64 7.41
C ILE A 182 -9.84 1.13 7.75
N GLY A 183 -9.02 0.73 8.73
CA GLY A 183 -8.92 -0.65 9.18
C GLY A 183 -10.26 -1.18 9.63
N THR A 184 -10.92 -0.39 10.50
CA THR A 184 -12.26 -0.72 11.02
C THR A 184 -13.25 -0.87 9.88
N ALA A 185 -13.24 0.10 8.96
CA ALA A 185 -14.07 0.03 7.77
C ALA A 185 -13.83 -1.26 6.96
N GLU A 186 -12.55 -1.59 6.75
CA GLU A 186 -12.17 -2.81 6.00
C GLU A 186 -12.58 -4.11 6.71
N ALA A 187 -12.39 -4.15 8.03
CA ALA A 187 -12.71 -5.32 8.81
C ALA A 187 -14.23 -5.49 8.90
N MET A 188 -14.94 -4.39 9.13
CA MET A 188 -16.41 -4.41 9.16
C MET A 188 -17.00 -4.89 7.83
N ASN A 189 -16.54 -4.29 6.73
CA ASN A 189 -16.99 -4.62 5.36
C ASN A 189 -16.72 -6.09 5.03
N LEU A 190 -15.52 -6.57 5.37
CA LEU A 190 -15.17 -7.96 5.16
C LEU A 190 -16.08 -8.88 6.01
N GLY A 191 -16.32 -8.51 7.26
CA GLY A 191 -17.18 -9.27 8.14
C GLY A 191 -18.57 -9.41 7.56
N ILE A 192 -19.12 -8.27 7.15
CA ILE A 192 -20.45 -8.19 6.56
C ILE A 192 -20.55 -9.06 5.30
N ARG A 193 -19.52 -9.00 4.47
CA ARG A 193 -19.48 -9.82 3.26
C ARG A 193 -19.21 -11.30 3.55
N LEU A 194 -18.68 -11.60 4.74
CA LEU A 194 -18.59 -12.98 5.20
C LEU A 194 -19.89 -13.50 5.87
N GLY A 195 -20.90 -12.64 6.01
CA GLY A 195 -22.19 -13.06 6.58
C GLY A 195 -22.45 -12.74 8.04
N LEU A 196 -21.63 -11.87 8.63
CA LEU A 196 -21.75 -11.48 10.02
C LEU A 196 -22.69 -10.29 10.14
N ASP A 197 -23.47 -10.28 11.21
CA ASP A 197 -24.21 -9.12 11.59
C ASP A 197 -23.20 -8.07 12.07
N PRO A 198 -23.23 -6.86 11.48
CA PRO A 198 -22.33 -5.76 11.87
C PRO A 198 -22.33 -5.40 13.36
N LYS A 199 -23.51 -5.37 13.99
CA LYS A 199 -23.62 -5.09 15.43
C LYS A 199 -22.85 -6.12 16.24
N LEU A 200 -22.95 -7.38 15.82
CA LEU A 200 -22.24 -8.46 16.48
C LEU A 200 -20.73 -8.31 16.32
N LEU A 201 -20.34 -8.06 15.10
CA LEU A 201 -18.91 -7.86 14.84
C LEU A 201 -18.36 -6.63 15.57
N ALA A 202 -19.06 -5.55 15.66
CA ALA A 202 -18.64 -4.40 16.45
C ALA A 202 -18.41 -4.82 17.90
N LYS A 203 -19.37 -5.54 18.45
CA LYS A 203 -19.33 -6.03 19.83
C LYS A 203 -18.05 -6.85 20.08
N ILE A 204 -17.75 -7.74 19.15
CA ILE A 204 -16.55 -8.58 19.20
C ILE A 204 -15.26 -7.78 19.11
N LEU A 205 -15.18 -6.85 18.16
CA LEU A 205 -14.02 -5.97 18.05
C LEU A 205 -13.80 -5.17 19.34
N ASN A 206 -14.90 -4.66 19.91
CA ASN A 206 -14.86 -3.78 21.06
C ASN A 206 -14.57 -4.45 22.40
N MET A 207 -14.59 -5.78 22.43
CA MET A 207 -14.18 -6.56 23.60
C MET A 207 -12.86 -7.31 23.37
N SER A 208 -12.26 -7.12 22.19
CA SER A 208 -11.03 -7.81 21.81
C SER A 208 -9.86 -6.89 21.50
N SER A 209 -8.80 -7.49 20.96
CA SER A 209 -7.55 -6.82 20.63
C SER A 209 -7.66 -5.85 19.45
N GLY A 210 -8.76 -5.96 18.72
CA GLY A 210 -9.08 -5.05 17.63
C GLY A 210 -9.72 -3.74 18.06
N ARG A 211 -10.09 -3.61 19.34
CA ARG A 211 -10.82 -2.37 19.76
CA ARG A 211 -10.79 -2.34 19.88
C ARG A 211 -9.97 -1.07 19.69
N CYS A 212 -10.56 -0.09 18.99
CA CYS A 212 -10.00 1.26 18.86
C CYS A 212 -11.10 2.29 19.09
N TRP A 213 -10.72 3.56 19.22
CA TRP A 213 -11.66 4.66 19.29
C TRP A 213 -12.62 4.62 18.08
N SER A 214 -12.06 4.34 16.90
CA SER A 214 -12.85 4.30 15.67
C SER A 214 -13.99 3.29 15.77
N SER A 215 -13.70 2.10 16.31
CA SER A 215 -14.71 1.05 16.41
C SER A 215 -15.65 1.15 17.59
N ASP A 216 -15.18 1.70 18.71
CA ASP A 216 -16.02 1.76 19.91
C ASP A 216 -16.62 3.12 20.27
N THR A 217 -16.17 4.18 19.57
CA THR A 217 -16.66 5.54 19.85
C THR A 217 -17.18 6.27 18.60
N TYR A 218 -16.85 5.77 17.42
CA TYR A 218 -17.11 6.50 16.19
C TYR A 218 -17.34 5.55 15.01
N ASN A 219 -18.04 4.45 15.30
CA ASN A 219 -18.16 3.35 14.33
C ASN A 219 -18.69 3.81 12.96
N PRO A 220 -17.95 3.46 11.89
CA PRO A 220 -18.26 3.90 10.52
C PRO A 220 -19.43 3.21 9.83
N VAL A 221 -20.00 2.18 10.46
CA VAL A 221 -21.12 1.45 9.87
C VAL A 221 -22.46 1.96 10.38
N PRO A 222 -23.32 2.47 9.47
CA PRO A 222 -24.64 3.00 9.85
C PRO A 222 -25.46 1.95 10.60
N GLY A 223 -26.05 2.34 11.73
CA GLY A 223 -26.89 1.43 12.51
C GLY A 223 -26.20 0.79 13.70
N VAL A 224 -24.87 0.82 13.73
CA VAL A 224 -24.13 0.21 14.84
C VAL A 224 -24.13 1.09 16.11
N MET A 225 -23.90 2.39 15.94
CA MET A 225 -23.88 3.33 17.05
C MET A 225 -24.77 4.54 16.79
N ASP A 226 -25.44 5.03 17.85
CA ASP A 226 -26.14 6.32 17.79
C ASP A 226 -25.14 7.45 18.02
N GLY A 227 -25.50 8.66 17.59
CA GLY A 227 -24.71 9.87 17.86
C GLY A 227 -23.38 10.00 17.16
N VAL A 228 -23.16 9.22 16.11
CA VAL A 228 -21.94 9.32 15.29
C VAL A 228 -22.36 9.62 13.83
N PRO A 229 -21.46 10.23 13.04
CA PRO A 229 -21.82 10.65 11.68
C PRO A 229 -22.42 9.55 10.80
N SER A 230 -21.98 8.31 10.99
CA SER A 230 -22.53 7.18 10.22
C SER A 230 -24.02 6.93 10.50
N ALA A 231 -24.53 7.46 11.59
CA ALA A 231 -25.96 7.38 11.87
C ALA A 231 -26.76 8.46 11.12
N ASN A 232 -26.05 9.35 10.44
CA ASN A 232 -26.59 10.59 9.95
C ASN A 232 -26.03 10.90 8.55
N ASN A 233 -25.84 9.85 7.74
CA ASN A 233 -25.28 9.99 6.38
C ASN A 233 -23.97 10.78 6.30
N TYR A 234 -23.17 10.64 7.36
CA TYR A 234 -21.81 11.19 7.44
C TYR A 234 -21.75 12.72 7.35
N GLN A 235 -22.85 13.33 7.80
CA GLN A 235 -22.96 14.78 7.89
C GLN A 235 -22.11 15.28 9.06
N GLY A 236 -21.55 16.47 8.91
CA GLY A 236 -20.77 17.11 9.97
C GLY A 236 -19.50 16.36 10.35
N GLY A 237 -19.25 16.27 11.65
CA GLY A 237 -18.06 15.61 12.18
C GLY A 237 -16.77 16.24 11.70
N PHE A 238 -15.81 15.37 11.39
CA PHE A 238 -14.49 15.79 10.96
C PHE A 238 -14.35 15.51 9.46
N GLY A 239 -14.35 16.58 8.66
CA GLY A 239 -14.39 16.51 7.19
C GLY A 239 -13.25 15.74 6.55
N THR A 240 -13.59 14.96 5.52
CA THR A 240 -12.64 14.21 4.72
C THR A 240 -11.51 15.12 4.19
N THR A 241 -11.86 16.32 3.74
CA THR A 241 -10.87 17.34 3.31
C THR A 241 -9.82 17.58 4.38
N LEU A 242 -10.30 17.69 5.61
CA LEU A 242 -9.46 18.00 6.77
C LEU A 242 -8.57 16.83 7.19
N MET A 243 -9.13 15.62 7.18
CA MET A 243 -8.36 14.40 7.35
C MET A 243 -7.24 14.26 6.29
N ALA A 244 -7.56 14.54 5.02
CA ALA A 244 -6.58 14.46 3.93
C ALA A 244 -5.45 15.47 4.14
N LYS A 245 -5.83 16.68 4.56
CA LYS A 245 -4.86 17.74 4.83
C LYS A 245 -3.85 17.26 5.88
N ASP A 246 -4.37 16.80 7.01
CA ASP A 246 -3.58 16.29 8.12
C ASP A 246 -2.66 15.12 7.74
N LEU A 247 -3.14 14.25 6.86
CA LEU A 247 -2.35 13.14 6.35
C LEU A 247 -1.27 13.61 5.40
N GLY A 248 -1.57 14.67 4.64
CA GLY A 248 -0.58 15.35 3.80
C GLY A 248 0.60 15.83 4.63
N LEU A 249 0.29 16.37 5.80
CA LEU A 249 1.28 16.83 6.77
C LEU A 249 2.12 15.69 7.32
N ALA A 250 1.46 14.59 7.68
CA ALA A 250 2.15 13.38 8.13
C ALA A 250 3.09 12.86 7.03
N GLN A 251 2.59 12.79 5.80
CA GLN A 251 3.37 12.34 4.66
C GLN A 251 4.64 13.19 4.50
N ASP A 252 4.46 14.51 4.52
CA ASP A 252 5.56 15.42 4.30
C ASP A 252 6.61 15.35 5.41
N SER A 253 6.14 15.26 6.65
CA SER A 253 6.99 15.07 7.84
C SER A 253 7.68 13.71 7.84
N ALA A 254 7.00 12.69 7.31
CA ALA A 254 7.57 11.35 7.26
C ALA A 254 8.70 11.34 6.26
N THR A 255 8.52 12.05 5.14
CA THR A 255 9.55 12.17 4.13
C THR A 255 10.76 12.90 4.70
N SER A 256 10.48 14.06 5.30
CA SER A 256 11.46 14.94 5.90
C SER A 256 12.31 14.26 6.99
N THR A 257 11.65 13.51 7.86
CA THR A 257 12.34 12.78 8.93
C THR A 257 12.77 11.37 8.48
N LYS A 258 12.50 11.04 7.22
CA LYS A 258 12.82 9.72 6.66
C LYS A 258 12.26 8.58 7.50
N SER A 259 10.97 8.70 7.81
CA SER A 259 10.26 7.68 8.57
C SER A 259 9.34 6.91 7.64
N PRO A 260 9.51 5.57 7.59
CA PRO A 260 8.69 4.73 6.73
C PRO A 260 7.26 4.64 7.25
N ILE A 261 6.31 5.08 6.44
CA ILE A 261 4.90 5.01 6.83
C ILE A 261 4.09 4.27 5.76
N LEU A 262 4.18 2.94 5.76
CA LEU A 262 3.51 2.14 4.71
C LEU A 262 1.98 2.31 4.76
N LEU A 263 1.38 2.10 5.92
CA LEU A 263 -0.08 2.24 6.08
C LEU A 263 -0.54 3.70 6.12
N GLY A 264 0.28 4.57 6.71
CA GLY A 264 -0.03 6.00 6.79
C GLY A 264 -0.07 6.64 5.43
N SER A 265 0.86 6.22 4.55
CA SER A 265 0.88 6.68 3.15
C SER A 265 -0.38 6.30 2.41
N LEU A 266 -0.77 5.04 2.54
CA LEU A 266 -1.96 4.54 1.87
C LEU A 266 -3.20 5.22 2.44
N ALA A 267 -3.26 5.41 3.76
CA ALA A 267 -4.37 6.13 4.38
C ALA A 267 -4.51 7.52 3.77
N HIS A 268 -3.39 8.21 3.62
CA HIS A 268 -3.31 9.50 2.94
C HIS A 268 -3.87 9.46 1.51
N GLN A 269 -3.40 8.50 0.70
CA GLN A 269 -3.84 8.45 -0.70
C GLN A 269 -5.33 8.09 -0.82
N ILE A 270 -5.80 7.23 0.08
CA ILE A 270 -7.21 6.83 0.14
C ILE A 270 -8.14 8.04 0.43
N TYR A 271 -7.81 8.80 1.47
CA TYR A 271 -8.54 10.03 1.76
C TYR A 271 -8.41 11.10 0.67
N ARG A 272 -7.25 11.14 0.00
CA ARG A 272 -7.07 11.97 -1.19
C ARG A 272 -8.07 11.60 -2.27
N MET A 273 -8.19 10.30 -2.55
CA MET A 273 -9.13 9.81 -3.57
C MET A 273 -10.57 10.16 -3.22
N MET A 274 -10.91 10.00 -1.94
CA MET A 274 -12.24 10.38 -1.44
C MET A 274 -12.59 11.85 -1.68
N CYS A 275 -11.64 12.77 -1.42
CA CYS A 275 -11.82 14.20 -1.72
C CYS A 275 -12.18 14.49 -3.20
N ALA A 276 -11.64 13.68 -4.11
CA ALA A 276 -11.89 13.87 -5.54
C ALA A 276 -13.13 13.11 -6.01
N LYS A 277 -13.80 12.42 -5.10
CA LYS A 277 -14.91 11.56 -5.46
C LYS A 277 -16.21 11.87 -4.69
N GLY A 278 -16.30 13.06 -4.09
CA GLY A 278 -17.55 13.53 -3.51
C GLY A 278 -17.65 13.49 -2.00
N TYR A 279 -16.58 13.05 -1.33
CA TYR A 279 -16.59 12.84 0.11
C TYR A 279 -16.06 14.02 0.91
N SER A 280 -15.51 15.02 0.23
CA SER A 280 -14.71 16.04 0.90
C SER A 280 -15.45 16.72 2.05
N LYS A 281 -16.74 16.95 1.87
CA LYS A 281 -17.58 17.54 2.94
C LYS A 281 -18.26 16.56 3.90
N LYS A 282 -18.08 15.25 3.67
CA LYS A 282 -18.59 14.25 4.60
C LYS A 282 -17.58 13.95 5.70
N ASP A 283 -18.08 13.56 6.87
CA ASP A 283 -17.22 13.08 7.96
C ASP A 283 -16.33 11.96 7.45
N PHE A 284 -15.08 11.95 7.91
CA PHE A 284 -14.04 11.01 7.47
C PHE A 284 -14.40 9.51 7.65
N SER A 285 -15.34 9.19 8.55
CA SER A 285 -15.77 7.78 8.72
C SER A 285 -16.52 7.22 7.51
N SER A 286 -16.89 8.11 6.56
CA SER A 286 -17.53 7.71 5.31
C SER A 286 -16.63 6.83 4.42
N VAL A 287 -15.41 6.59 4.88
CA VAL A 287 -14.51 5.65 4.20
C VAL A 287 -15.17 4.27 4.04
N PHE A 288 -16.01 3.88 5.02
CA PHE A 288 -16.78 2.64 4.92
C PHE A 288 -17.69 2.64 3.69
N GLN A 289 -18.40 3.74 3.50
CA GLN A 289 -19.27 3.95 2.34
C GLN A 289 -18.46 3.91 1.04
N PHE A 290 -17.26 4.47 1.08
CA PHE A 290 -16.34 4.45 -0.07
C PHE A 290 -15.88 3.03 -0.43
N LEU A 291 -15.76 2.15 0.56
CA LEU A 291 -15.29 0.79 0.33
C LEU A 291 -16.40 -0.13 -0.14
N ARG A 292 -17.62 0.23 0.21
CA ARG A 292 -18.77 -0.63 0.09
C ARG A 292 -19.16 -0.78 -1.37
N GLU A 293 -19.61 -1.97 -1.74
CA GLU A 293 -20.03 -2.20 -3.10
C GLU A 293 -21.36 -1.54 -3.37
N GLU A 294 -21.41 -0.78 -4.38
CA GLU A 294 -22.55 -0.01 -4.86
C GLU A 294 -23.36 -0.89 -5.79
N GLU A 295 -24.68 -0.82 -5.82
CA GLU A 295 -25.52 -1.57 -6.75
C GLU A 295 -25.35 -1.06 -8.18
N THR A 296 -25.25 -2.00 -9.12
CA THR A 296 -25.21 -1.69 -10.56
C THR A 296 -25.89 -2.79 -11.38
N MET B 1 -7.76 -36.18 -38.68
CA MET B 1 -7.73 -36.46 -37.22
C MET B 1 -8.42 -35.33 -36.45
N PRO B 2 -9.58 -35.61 -35.86
CA PRO B 2 -10.35 -34.53 -35.24
C PRO B 2 -9.76 -34.04 -33.93
N VAL B 3 -9.95 -32.75 -33.66
CA VAL B 3 -9.55 -32.10 -32.42
C VAL B 3 -10.81 -31.66 -31.68
N GLY B 4 -10.86 -31.90 -30.38
CA GLY B 4 -11.95 -31.39 -29.57
C GLY B 4 -11.74 -29.96 -29.16
N PHE B 5 -12.83 -29.21 -29.04
CA PHE B 5 -12.76 -27.86 -28.51
C PHE B 5 -13.93 -27.57 -27.59
N ILE B 6 -13.61 -27.25 -26.34
CA ILE B 6 -14.61 -26.98 -25.31
C ILE B 6 -14.50 -25.54 -24.80
N GLY B 7 -15.57 -24.77 -25.01
CA GLY B 7 -15.61 -23.37 -24.62
C GLY B 7 -15.39 -22.46 -25.82
N LEU B 8 -16.45 -21.80 -26.26
CA LEU B 8 -16.39 -20.95 -27.45
C LEU B 8 -16.82 -19.51 -27.18
N GLY B 9 -16.20 -18.90 -26.17
CA GLY B 9 -16.45 -17.50 -25.87
C GLY B 9 -15.68 -16.60 -26.80
N ASN B 10 -15.44 -15.36 -26.37
CA ASN B 10 -14.74 -14.38 -27.19
C ASN B 10 -13.30 -14.77 -27.55
N MET B 11 -12.77 -15.78 -26.87
CA MET B 11 -11.42 -16.28 -27.15
C MET B 11 -11.49 -17.65 -27.81
N GLY B 12 -12.30 -18.54 -27.26
CA GLY B 12 -12.48 -19.89 -27.80
C GLY B 12 -12.95 -19.95 -29.25
N ASN B 13 -13.93 -19.11 -29.58
CA ASN B 13 -14.45 -19.02 -30.96
C ASN B 13 -13.35 -18.73 -32.02
N PRO B 14 -12.62 -17.59 -31.90
CA PRO B 14 -11.55 -17.39 -32.90
C PRO B 14 -10.40 -18.41 -32.85
N MET B 15 -10.13 -18.98 -31.69
CA MET B 15 -9.11 -20.02 -31.58
C MET B 15 -9.48 -21.27 -32.37
N ALA B 16 -10.74 -21.69 -32.22
CA ALA B 16 -11.28 -22.84 -32.94
C ALA B 16 -11.29 -22.60 -34.45
N LYS B 17 -11.63 -21.39 -34.86
CA LYS B 17 -11.64 -20.99 -36.26
C LYS B 17 -10.27 -21.07 -36.91
N ASN B 18 -9.23 -20.71 -36.16
CA ASN B 18 -7.86 -20.83 -36.63
C ASN B 18 -7.37 -22.28 -36.78
N LEU B 19 -7.93 -23.18 -35.99
CA LEU B 19 -7.67 -24.61 -36.18
C LEU B 19 -8.32 -25.10 -37.47
N MET B 20 -9.52 -24.60 -37.78
CA MET B 20 -10.23 -24.96 -39.00
C MET B 20 -9.50 -24.41 -40.24
N LYS B 21 -8.94 -23.22 -40.11
CA LYS B 21 -8.13 -22.61 -41.17
C LYS B 21 -6.90 -23.45 -41.49
N HIS B 22 -6.43 -24.21 -40.50
CA HIS B 22 -5.30 -25.12 -40.67
C HIS B 22 -5.70 -26.54 -41.09
N GLY B 23 -6.99 -26.77 -41.27
CA GLY B 23 -7.50 -28.01 -41.83
C GLY B 23 -7.96 -29.04 -40.82
N TYR B 24 -8.01 -28.66 -39.55
CA TYR B 24 -8.41 -29.56 -38.49
C TYR B 24 -9.94 -29.71 -38.40
N PRO B 25 -10.42 -30.97 -38.48
CA PRO B 25 -11.82 -31.26 -38.15
C PRO B 25 -12.02 -31.08 -36.65
N LEU B 26 -13.18 -30.53 -36.26
CA LEU B 26 -13.42 -30.16 -34.87
C LEU B 26 -14.62 -30.87 -34.25
N ILE B 27 -14.47 -31.26 -32.99
CA ILE B 27 -15.59 -31.74 -32.18
C ILE B 27 -15.87 -30.75 -31.04
N ILE B 28 -17.05 -30.14 -31.10
CA ILE B 28 -17.36 -28.93 -30.36
C ILE B 28 -18.30 -29.18 -29.18
N TYR B 29 -18.03 -28.49 -28.07
CA TYR B 29 -19.00 -28.32 -26.99
C TYR B 29 -18.86 -26.94 -26.32
N ASP B 30 -20.01 -26.33 -26.05
CA ASP B 30 -20.13 -25.20 -25.16
C ASP B 30 -21.45 -25.33 -24.40
N VAL B 31 -21.47 -24.92 -23.14
CA VAL B 31 -22.70 -24.95 -22.33
C VAL B 31 -23.82 -24.10 -22.95
N PHE B 32 -23.43 -23.11 -23.75
CA PHE B 32 -24.37 -22.30 -24.51
C PHE B 32 -24.52 -22.85 -25.92
N PRO B 33 -25.69 -23.46 -26.24
CA PRO B 33 -25.92 -24.05 -27.55
C PRO B 33 -25.85 -23.03 -28.69
N ASP B 34 -26.21 -21.78 -28.40
CA ASP B 34 -26.17 -20.69 -29.38
C ASP B 34 -24.75 -20.39 -29.87
N ALA B 35 -23.77 -20.61 -29.01
CA ALA B 35 -22.36 -20.40 -29.36
C ALA B 35 -21.81 -21.53 -30.23
N CYS B 36 -22.57 -22.62 -30.36
CA CYS B 36 -22.18 -23.77 -31.16
C CYS B 36 -22.76 -23.76 -32.56
N LYS B 37 -23.89 -23.06 -32.73
CA LYS B 37 -24.65 -23.05 -33.99
C LYS B 37 -23.80 -22.60 -35.18
N GLU B 38 -22.95 -21.60 -34.96
CA GLU B 38 -22.05 -21.06 -35.97
C GLU B 38 -21.15 -22.14 -36.60
N PHE B 39 -20.64 -23.03 -35.75
CA PHE B 39 -19.71 -24.08 -36.17
C PHE B 39 -20.44 -25.27 -36.79
N GLN B 40 -21.67 -25.51 -36.33
CA GLN B 40 -22.49 -26.60 -36.86
C GLN B 40 -22.92 -26.30 -38.29
N ASP B 41 -23.18 -25.03 -38.56
CA ASP B 41 -23.56 -24.54 -39.90
C ASP B 41 -22.43 -24.70 -40.93
N ALA B 42 -21.24 -25.09 -40.47
CA ALA B 42 -20.05 -25.14 -41.32
C ALA B 42 -19.38 -26.52 -41.38
N GLY B 43 -20.06 -27.55 -40.89
CA GLY B 43 -19.58 -28.94 -41.02
C GLY B 43 -18.71 -29.45 -39.91
N GLU B 44 -18.71 -28.77 -38.76
CA GLU B 44 -18.04 -29.28 -37.57
C GLU B 44 -19.03 -30.03 -36.70
N GLN B 45 -18.56 -31.09 -36.04
CA GLN B 45 -19.44 -31.91 -35.21
C GLN B 45 -19.65 -31.30 -33.83
N VAL B 46 -20.90 -30.98 -33.52
CA VAL B 46 -21.28 -30.47 -32.21
C VAL B 46 -21.87 -31.62 -31.40
N VAL B 47 -21.35 -31.82 -30.19
CA VAL B 47 -21.85 -32.87 -29.29
C VAL B 47 -22.47 -32.28 -28.02
N SER B 48 -22.96 -33.16 -27.13
CA SER B 48 -23.79 -32.73 -26.01
C SER B 48 -23.07 -32.52 -24.69
N SER B 49 -21.86 -33.09 -24.57
CA SER B 49 -21.07 -32.96 -23.35
C SER B 49 -19.56 -32.96 -23.63
N PRO B 50 -18.75 -32.50 -22.66
CA PRO B 50 -17.29 -32.66 -22.77
C PRO B 50 -16.86 -34.14 -22.84
N ALA B 51 -17.58 -35.01 -22.16
CA ALA B 51 -17.35 -36.46 -22.24
C ALA B 51 -17.51 -36.94 -23.67
N ASP B 52 -18.57 -36.47 -24.33
CA ASP B 52 -18.85 -36.80 -25.72
C ASP B 52 -17.79 -36.28 -26.69
N VAL B 53 -17.14 -35.16 -26.33
CA VAL B 53 -15.99 -34.67 -27.09
C VAL B 53 -14.82 -35.67 -26.97
N ALA B 54 -14.53 -36.10 -25.74
CA ALA B 54 -13.45 -37.04 -25.44
C ALA B 54 -13.68 -38.42 -26.05
N GLU B 55 -14.94 -38.76 -26.27
CA GLU B 55 -15.32 -40.03 -26.86
C GLU B 55 -14.91 -40.11 -28.33
N LYS B 56 -14.76 -38.94 -28.97
CA LYS B 56 -14.52 -38.88 -30.41
C LYS B 56 -13.20 -38.20 -30.80
N ALA B 57 -12.53 -37.55 -29.84
CA ALA B 57 -11.27 -36.86 -30.11
C ALA B 57 -10.16 -37.24 -29.13
N ASP B 58 -8.97 -37.51 -29.66
CA ASP B 58 -7.80 -37.86 -28.85
C ASP B 58 -6.91 -36.65 -28.51
N ARG B 59 -7.28 -35.47 -29.03
CA ARG B 59 -6.65 -34.21 -28.65
C ARG B 59 -7.77 -33.23 -28.36
N ILE B 60 -7.75 -32.60 -27.19
CA ILE B 60 -8.80 -31.65 -26.80
C ILE B 60 -8.21 -30.36 -26.23
N ILE B 61 -8.80 -29.24 -26.65
CA ILE B 61 -8.46 -27.94 -26.09
C ILE B 61 -9.67 -27.41 -25.32
N THR B 62 -9.43 -26.98 -24.09
CA THR B 62 -10.47 -26.37 -23.27
C THR B 62 -10.15 -24.90 -23.06
N MET B 63 -11.16 -24.05 -23.21
CA MET B 63 -11.01 -22.60 -23.04
C MET B 63 -12.19 -22.05 -22.24
N LEU B 64 -12.01 -21.96 -20.92
CA LEU B 64 -13.09 -21.67 -19.98
C LEU B 64 -12.79 -20.46 -19.11
N PRO B 65 -13.85 -19.74 -18.67
CA PRO B 65 -13.68 -18.46 -17.97
C PRO B 65 -13.13 -18.54 -16.54
N THR B 66 -13.27 -19.69 -15.88
CA THR B 66 -12.94 -19.78 -14.44
C THR B 66 -12.38 -21.13 -14.02
N SER B 67 -11.78 -21.17 -12.82
CA SER B 67 -11.31 -22.41 -12.21
C SER B 67 -12.43 -23.44 -12.07
N ILE B 68 -13.60 -22.99 -11.59
CA ILE B 68 -14.76 -23.87 -11.38
C ILE B 68 -15.25 -24.50 -12.68
N ASN B 69 -15.40 -23.68 -13.72
CA ASN B 69 -15.80 -24.16 -15.04
C ASN B 69 -14.83 -25.17 -15.59
N ALA B 70 -13.54 -24.92 -15.34
CA ALA B 70 -12.48 -25.79 -15.84
C ALA B 70 -12.53 -27.17 -15.20
N ILE B 71 -12.64 -27.23 -13.87
CA ILE B 71 -12.71 -28.51 -13.17
C ILE B 71 -14.00 -29.28 -13.49
N GLU B 72 -15.09 -28.55 -13.73
CA GLU B 72 -16.35 -29.16 -14.12
C GLU B 72 -16.22 -29.81 -15.50
N ALA B 73 -15.52 -29.14 -16.41
CA ALA B 73 -15.32 -29.66 -17.76
C ALA B 73 -14.46 -30.92 -17.79
N TYR B 74 -13.57 -31.08 -16.81
CA TYR B 74 -12.74 -32.27 -16.69
C TYR B 74 -13.33 -33.31 -15.74
N SER B 75 -13.60 -32.89 -14.51
CA SER B 75 -13.97 -33.81 -13.42
C SER B 75 -15.47 -33.89 -13.14
N GLY B 76 -16.26 -33.10 -13.85
CA GLY B 76 -17.72 -33.10 -13.67
C GLY B 76 -18.39 -34.40 -14.06
N ALA B 77 -19.71 -34.46 -13.84
CA ALA B 77 -20.52 -35.66 -14.07
C ALA B 77 -20.44 -36.15 -15.51
N ASN B 78 -20.35 -35.21 -16.44
CA ASN B 78 -20.17 -35.52 -17.85
C ASN B 78 -18.92 -34.87 -18.39
N GLY B 79 -17.90 -34.81 -17.54
CA GLY B 79 -16.63 -34.21 -17.87
C GLY B 79 -15.77 -35.10 -18.74
N ILE B 80 -14.70 -34.50 -19.28
CA ILE B 80 -13.76 -35.18 -20.18
C ILE B 80 -13.32 -36.54 -19.64
N LEU B 81 -13.09 -36.57 -18.45
CA LEU B 81 -12.50 -37.74 -17.81
C LEU B 81 -13.42 -38.97 -17.77
N LYS B 82 -14.64 -38.79 -17.90
CA LYS B 82 -15.60 -39.89 -17.95
C LYS B 82 -15.41 -40.79 -19.16
N LYS B 83 -14.87 -40.23 -20.24
CA LYS B 83 -14.77 -40.93 -21.51
C LYS B 83 -13.42 -40.76 -22.23
N VAL B 84 -12.45 -40.18 -21.52
CA VAL B 84 -11.12 -39.93 -22.10
C VAL B 84 -10.39 -41.24 -22.40
N LYS B 85 -9.80 -41.32 -23.60
CA LYS B 85 -9.05 -42.50 -24.01
C LYS B 85 -7.57 -42.36 -23.64
N LYS B 86 -6.92 -43.51 -23.43
CA LYS B 86 -5.49 -43.54 -23.11
C LYS B 86 -4.66 -42.89 -24.20
N GLY B 87 -3.64 -42.16 -23.77
CA GLY B 87 -2.75 -41.46 -24.71
C GLY B 87 -3.31 -40.17 -25.29
N SER B 88 -4.48 -39.74 -24.83
CA SER B 88 -5.06 -38.47 -25.27
C SER B 88 -4.26 -37.28 -24.76
N LEU B 89 -4.13 -36.23 -25.49
CA LEU B 89 -3.50 -34.96 -25.16
C LEU B 89 -4.59 -33.96 -24.83
N LEU B 90 -4.59 -33.49 -23.66
CA LEU B 90 -5.57 -32.51 -23.19
C LEU B 90 -4.85 -31.22 -22.84
N ILE B 91 -5.26 -30.13 -23.49
CA ILE B 91 -4.63 -28.84 -23.29
C ILE B 91 -5.65 -27.85 -22.77
N ASP B 92 -5.41 -27.31 -21.57
CA ASP B 92 -6.28 -26.31 -21.01
C ASP B 92 -5.70 -24.90 -21.16
N SER B 93 -6.40 -24.09 -21.95
CA SER B 93 -5.93 -22.74 -22.21
C SER B 93 -6.62 -21.72 -21.33
N SER B 94 -7.53 -22.19 -20.48
CA SER B 94 -8.11 -21.37 -19.42
C SER B 94 -7.00 -20.76 -18.56
N THR B 95 -7.24 -19.58 -18.03
CA THR B 95 -6.37 -19.01 -17.00
C THR B 95 -6.95 -19.34 -15.63
N ILE B 96 -6.24 -20.19 -14.90
CA ILE B 96 -6.70 -20.72 -13.62
C ILE B 96 -5.53 -20.85 -12.65
N ASP B 97 -5.83 -21.13 -11.40
CA ASP B 97 -4.84 -21.38 -10.38
C ASP B 97 -3.87 -22.48 -10.79
N PRO B 98 -2.54 -22.24 -10.70
CA PRO B 98 -1.53 -23.24 -11.01
C PRO B 98 -1.75 -24.56 -10.25
N ALA B 99 -2.16 -24.47 -8.99
CA ALA B 99 -2.42 -25.65 -8.15
C ALA B 99 -3.59 -26.50 -8.67
N VAL B 100 -4.59 -25.85 -9.24
CA VAL B 100 -5.72 -26.54 -9.86
C VAL B 100 -5.29 -27.28 -11.15
N SER B 101 -4.44 -26.62 -11.95
CA SER B 101 -3.84 -27.26 -13.12
C SER B 101 -3.12 -28.55 -12.74
N LYS B 102 -2.36 -28.51 -11.65
CA LYS B 102 -1.63 -29.67 -11.12
C LYS B 102 -2.59 -30.78 -10.69
N GLU B 103 -3.63 -30.41 -9.95
CA GLU B 103 -4.68 -31.33 -9.52
C GLU B 103 -5.34 -32.02 -10.70
N LEU B 104 -5.70 -31.23 -11.72
CA LEU B 104 -6.28 -31.76 -12.94
C LEU B 104 -5.34 -32.74 -13.62
N ALA B 105 -4.06 -32.35 -13.72
CA ALA B 105 -3.05 -33.19 -14.34
C ALA B 105 -2.93 -34.57 -13.66
N LYS B 106 -2.94 -34.58 -12.33
CA LYS B 106 -2.93 -35.81 -11.55
C LYS B 106 -4.09 -36.73 -11.91
N GLU B 107 -5.27 -36.13 -12.10
CA GLU B 107 -6.49 -36.86 -12.46
C GLU B 107 -6.47 -37.42 -13.87
N VAL B 108 -6.03 -36.60 -14.82
CA VAL B 108 -5.91 -36.99 -16.22
C VAL B 108 -4.90 -38.13 -16.38
N GLU B 109 -3.86 -38.08 -15.54
CA GLU B 109 -2.82 -39.10 -15.57
C GLU B 109 -3.31 -40.47 -15.07
N LYS B 110 -4.17 -40.47 -14.04
CA LYS B 110 -4.85 -41.68 -13.57
C LYS B 110 -5.53 -42.40 -14.72
N MET B 111 -6.05 -41.63 -15.67
CA MET B 111 -6.74 -42.16 -16.85
C MET B 111 -5.78 -42.49 -18.00
N GLY B 112 -4.48 -42.39 -17.74
CA GLY B 112 -3.47 -42.71 -18.74
C GLY B 112 -3.36 -41.69 -19.87
N ALA B 113 -3.82 -40.47 -19.62
CA ALA B 113 -3.71 -39.37 -20.59
C ALA B 113 -2.74 -38.29 -20.10
N VAL B 114 -2.53 -37.26 -20.87
CA VAL B 114 -1.55 -36.20 -20.71
C VAL B 114 -2.25 -34.85 -20.58
N PHE B 115 -1.95 -34.10 -19.55
CA PHE B 115 -2.54 -32.78 -19.36
C PHE B 115 -1.46 -31.71 -19.49
N MET B 116 -1.78 -30.62 -20.20
CA MET B 116 -0.91 -29.45 -20.26
C MET B 116 -1.69 -28.15 -20.06
N ASP B 117 -1.19 -27.28 -19.18
CA ASP B 117 -1.71 -25.91 -19.06
C ASP B 117 -1.11 -25.03 -20.16
N ALA B 118 -1.97 -24.36 -20.91
CA ALA B 118 -1.48 -23.42 -21.92
C ALA B 118 -2.30 -22.12 -21.97
N PRO B 119 -2.31 -21.36 -20.86
CA PRO B 119 -3.04 -20.08 -20.84
C PRO B 119 -2.48 -19.12 -21.89
N VAL B 120 -3.31 -18.20 -22.34
CA VAL B 120 -2.92 -17.30 -23.43
C VAL B 120 -2.87 -15.85 -23.01
N SER B 121 -1.96 -15.11 -23.65
CA SER B 121 -1.91 -13.66 -23.60
C SER B 121 -2.19 -13.11 -25.00
N GLY B 122 -3.02 -12.06 -25.09
CA GLY B 122 -3.18 -11.35 -26.34
C GLY B 122 -4.53 -10.72 -26.57
N GLY B 123 -5.59 -11.36 -26.08
CA GLY B 123 -6.93 -10.84 -26.25
C GLY B 123 -7.56 -11.20 -27.57
N VAL B 124 -8.77 -10.69 -27.78
CA VAL B 124 -9.64 -11.15 -28.83
C VAL B 124 -9.08 -10.85 -30.22
N GLY B 125 -8.34 -9.74 -30.33
CA GLY B 125 -7.68 -9.36 -31.58
C GLY B 125 -6.65 -10.40 -32.00
N ALA B 126 -5.75 -10.71 -31.06
CA ALA B 126 -4.72 -11.73 -31.26
C ALA B 126 -5.30 -13.13 -31.43
N ALA B 127 -6.39 -13.41 -30.72
CA ALA B 127 -7.11 -14.67 -30.85
C ALA B 127 -7.68 -14.85 -32.27
N ARG B 128 -8.17 -13.78 -32.77
CA ARG B 128 -8.76 -13.77 -34.11
C ARG B 128 -7.70 -13.84 -35.20
N SER B 129 -6.59 -13.10 -35.06
CA SER B 129 -5.49 -13.05 -36.03
C SER B 129 -4.56 -14.25 -35.95
N GLY B 130 -4.61 -14.98 -34.84
CA GLY B 130 -3.73 -16.12 -34.60
C GLY B 130 -2.37 -15.69 -34.06
N ASN B 131 -2.35 -14.55 -33.35
CA ASN B 131 -1.10 -14.00 -32.80
C ASN B 131 -1.00 -14.08 -31.28
N LEU B 132 -1.70 -15.06 -30.70
CA LEU B 132 -1.66 -15.30 -29.28
C LEU B 132 -0.30 -15.81 -28.79
N THR B 133 0.02 -15.53 -27.53
CA THR B 133 1.14 -16.20 -26.88
C THR B 133 0.61 -17.30 -25.96
N PHE B 134 1.09 -18.52 -26.17
CA PHE B 134 0.77 -19.65 -25.31
C PHE B 134 1.94 -19.90 -24.38
N MET B 135 1.64 -19.96 -23.09
CA MET B 135 2.62 -20.30 -22.08
C MET B 135 2.26 -21.69 -21.57
N VAL B 136 3.15 -22.64 -21.86
CA VAL B 136 2.81 -24.07 -21.77
C VAL B 136 3.58 -24.80 -20.66
N GLY B 137 2.83 -25.39 -19.73
CA GLY B 137 3.41 -26.24 -18.71
C GLY B 137 3.05 -27.70 -18.94
N GLY B 138 3.93 -28.60 -18.51
CA GLY B 138 3.69 -30.04 -18.65
C GLY B 138 4.96 -30.83 -18.92
N VAL B 139 4.79 -32.12 -19.17
CA VAL B 139 5.92 -32.98 -19.54
C VAL B 139 6.48 -32.54 -20.90
N GLU B 140 7.77 -32.26 -20.94
CA GLU B 140 8.49 -31.69 -22.08
C GLU B 140 8.42 -32.51 -23.35
N ASP B 141 8.36 -33.83 -23.18
CA ASP B 141 8.23 -34.78 -24.29
C ASP B 141 6.99 -34.47 -25.13
N GLU B 142 5.96 -33.94 -24.48
CA GLU B 142 4.68 -33.71 -25.10
C GLU B 142 4.55 -32.32 -25.72
N PHE B 143 5.55 -31.47 -25.50
CA PHE B 143 5.47 -30.06 -25.91
C PHE B 143 5.40 -29.91 -27.41
N ALA B 144 6.25 -30.65 -28.12
CA ALA B 144 6.33 -30.59 -29.58
C ALA B 144 4.99 -30.93 -30.22
N ALA B 145 4.31 -31.95 -29.68
CA ALA B 145 2.98 -32.33 -30.14
C ALA B 145 1.97 -31.20 -29.89
N ALA B 146 1.99 -30.66 -28.69
CA ALA B 146 1.14 -29.54 -28.31
C ALA B 146 1.37 -28.33 -29.22
N GLN B 147 2.64 -28.05 -29.48
CA GLN B 147 3.07 -26.89 -30.28
C GLN B 147 2.51 -26.92 -31.70
N GLU B 148 2.32 -28.13 -32.24
CA GLU B 148 1.71 -28.33 -33.56
C GLU B 148 0.27 -27.81 -33.60
N LEU B 149 -0.47 -28.04 -32.53
CA LEU B 149 -1.85 -27.56 -32.42
C LEU B 149 -1.92 -26.08 -32.10
N LEU B 150 -1.18 -25.67 -31.09
CA LEU B 150 -1.23 -24.31 -30.57
C LEU B 150 -0.67 -23.29 -31.57
N GLY B 151 0.32 -23.70 -32.34
CA GLY B 151 0.93 -22.86 -33.38
C GLY B 151 -0.05 -22.42 -34.46
N CYS B 152 -1.18 -23.13 -34.56
CA CYS B 152 -2.26 -22.78 -35.47
C CYS B 152 -3.10 -21.62 -34.93
N MET B 153 -2.98 -21.35 -33.63
CA MET B 153 -3.83 -20.39 -32.95
C MET B 153 -3.03 -19.23 -32.37
N GLY B 154 -1.71 -19.39 -32.31
CA GLY B 154 -0.84 -18.39 -31.74
C GLY B 154 0.46 -18.24 -32.50
N SER B 155 1.11 -17.09 -32.35
CA SER B 155 2.37 -16.83 -33.02
C SER B 155 3.57 -17.20 -32.15
N ASN B 156 3.37 -17.24 -30.83
CA ASN B 156 4.40 -17.73 -29.93
C ASN B 156 3.87 -18.79 -29.00
N VAL B 157 4.60 -19.90 -28.94
CA VAL B 157 4.29 -21.01 -28.05
C VAL B 157 5.52 -21.30 -27.20
N VAL B 158 5.44 -21.05 -25.91
CA VAL B 158 6.63 -21.10 -25.07
C VAL B 158 6.48 -22.15 -23.96
N TYR B 159 7.48 -23.04 -23.90
CA TYR B 159 7.53 -24.05 -22.85
C TYR B 159 8.04 -23.45 -21.53
N CYS B 160 7.20 -23.52 -20.50
CA CYS B 160 7.49 -22.86 -19.24
C CYS B 160 7.99 -23.80 -18.14
N GLY B 161 7.89 -25.10 -18.38
CA GLY B 161 8.31 -26.10 -17.41
C GLY B 161 7.18 -27.10 -17.13
N ALA B 162 7.16 -27.63 -15.92
CA ALA B 162 6.15 -28.61 -15.50
C ALA B 162 4.74 -28.01 -15.45
N VAL B 163 3.74 -28.88 -15.27
CA VAL B 163 2.35 -28.43 -15.20
C VAL B 163 2.17 -27.32 -14.15
N GLY B 164 1.43 -26.28 -14.53
CA GLY B 164 1.20 -25.13 -13.67
C GLY B 164 2.14 -23.96 -13.93
N THR B 165 3.26 -24.21 -14.62
CA THR B 165 4.25 -23.15 -14.91
C THR B 165 3.74 -22.16 -15.96
N GLY B 166 2.89 -22.65 -16.86
CA GLY B 166 2.21 -21.80 -17.83
C GLY B 166 1.33 -20.81 -17.12
N GLN B 167 0.43 -21.31 -16.26
CA GLN B 167 -0.40 -20.46 -15.40
C GLN B 167 0.46 -19.49 -14.56
N ALA B 168 1.54 -19.98 -13.99
CA ALA B 168 2.44 -19.16 -13.18
C ALA B 168 3.01 -17.98 -13.97
N ALA B 169 3.54 -18.27 -15.16
CA ALA B 169 4.11 -17.27 -16.06
C ALA B 169 3.10 -16.18 -16.41
N LYS B 170 1.89 -16.61 -16.77
CA LYS B 170 0.80 -15.75 -17.16
C LYS B 170 0.38 -14.81 -16.01
N ILE B 171 0.23 -15.40 -14.83
CA ILE B 171 -0.17 -14.68 -13.63
C ILE B 171 0.88 -13.63 -13.20
N CYS B 172 2.16 -13.96 -13.34
CA CYS B 172 3.24 -13.02 -12.96
C CYS B 172 3.34 -11.89 -13.96
N ASN B 173 3.21 -12.20 -15.25
CA ASN B 173 3.16 -11.15 -16.27
C ASN B 173 2.04 -10.15 -16.02
N ASN B 174 0.84 -10.67 -15.79
CA ASN B 174 -0.31 -9.81 -15.57
C ASN B 174 -0.27 -8.98 -14.29
N MET B 175 0.36 -9.52 -13.24
CA MET B 175 0.59 -8.75 -12.03
C MET B 175 1.53 -7.57 -12.30
N LEU B 176 2.62 -7.84 -13.01
CA LEU B 176 3.57 -6.77 -13.39
C LEU B 176 2.92 -5.73 -14.29
N LEU B 177 2.08 -6.21 -15.21
CA LEU B 177 1.27 -5.34 -16.08
C LEU B 177 0.42 -4.39 -15.24
N ALA B 178 -0.34 -4.96 -14.30
CA ALA B 178 -1.24 -4.17 -13.48
C ALA B 178 -0.47 -3.11 -12.69
N ILE B 179 0.63 -3.53 -12.06
CA ILE B 179 1.49 -2.63 -11.28
C ILE B 179 1.98 -1.46 -12.15
N SER B 180 2.46 -1.79 -13.35
CA SER B 180 3.02 -0.79 -14.27
C SER B 180 1.96 0.10 -14.90
N MET B 181 0.79 -0.48 -15.19
CA MET B 181 -0.32 0.33 -15.70
C MET B 181 -0.81 1.36 -14.67
N ILE B 182 -0.96 0.92 -13.44
CA ILE B 182 -1.34 1.83 -12.36
C ILE B 182 -0.24 2.89 -12.16
N GLY B 183 1.02 2.44 -12.21
CA GLY B 183 2.17 3.31 -12.07
C GLY B 183 2.17 4.40 -13.12
N THR B 184 1.94 3.99 -14.38
CA THR B 184 1.90 4.90 -15.53
C THR B 184 0.79 5.92 -15.37
N ALA B 185 -0.40 5.44 -14.99
CA ALA B 185 -1.54 6.31 -14.67
C ALA B 185 -1.21 7.29 -13.54
N GLU B 186 -0.54 6.81 -12.49
CA GLU B 186 -0.16 7.66 -11.35
C GLU B 186 0.87 8.73 -11.73
N ALA B 187 1.86 8.30 -12.52
CA ALA B 187 2.94 9.17 -12.98
C ALA B 187 2.44 10.21 -13.97
N MET B 188 1.56 9.78 -14.89
CA MET B 188 0.96 10.69 -15.85
C MET B 188 0.06 11.71 -15.14
N ASN B 189 -0.77 11.24 -14.21
CA ASN B 189 -1.68 12.12 -13.48
C ASN B 189 -0.91 13.20 -12.69
N LEU B 190 0.11 12.75 -11.96
CA LEU B 190 0.97 13.64 -11.19
C LEU B 190 1.62 14.66 -12.10
N GLY B 191 2.13 14.20 -13.23
CA GLY B 191 2.77 15.07 -14.22
C GLY B 191 1.84 16.15 -14.76
N ILE B 192 0.63 15.74 -15.15
CA ILE B 192 -0.37 16.69 -15.60
C ILE B 192 -0.72 17.69 -14.49
N ARG B 193 -0.87 17.20 -13.26
CA ARG B 193 -1.23 18.06 -12.15
C ARG B 193 -0.08 19.00 -11.78
N LEU B 194 1.13 18.61 -12.15
CA LEU B 194 2.31 19.46 -11.99
C LEU B 194 2.46 20.48 -13.13
N GLY B 195 1.58 20.42 -14.13
CA GLY B 195 1.60 21.38 -15.22
C GLY B 195 2.28 20.93 -16.50
N LEU B 196 2.59 19.68 -16.69
CA LEU B 196 3.16 19.09 -17.89
C LEU B 196 2.10 18.71 -18.92
N ASP B 197 2.49 18.91 -20.13
CA ASP B 197 1.76 18.41 -21.28
C ASP B 197 1.90 16.90 -21.29
N PRO B 198 0.77 16.16 -21.28
CA PRO B 198 0.77 14.69 -21.20
C PRO B 198 1.55 14.02 -22.33
N LYS B 199 1.43 14.54 -23.54
CA LYS B 199 2.20 14.04 -24.68
C LYS B 199 3.70 14.18 -24.47
N LEU B 200 4.13 15.30 -23.90
CA LEU B 200 5.54 15.50 -23.59
C LEU B 200 6.01 14.51 -22.54
N LEU B 201 5.21 14.33 -21.50
CA LEU B 201 5.60 13.42 -20.42
C LEU B 201 5.66 11.97 -20.92
N ALA B 202 4.71 11.56 -21.73
CA ALA B 202 4.76 10.22 -22.33
C ALA B 202 6.05 10.05 -23.14
N LYS B 203 6.41 11.07 -23.92
CA LYS B 203 7.64 11.07 -24.70
C LYS B 203 8.87 10.85 -23.81
N ILE B 204 8.93 11.60 -22.72
CA ILE B 204 9.99 11.47 -21.71
C ILE B 204 10.03 10.06 -21.11
N LEU B 205 8.89 9.57 -20.66
CA LEU B 205 8.80 8.23 -20.08
C LEU B 205 9.30 7.17 -21.06
N ASN B 206 8.89 7.30 -22.31
CA ASN B 206 9.17 6.33 -23.36
C ASN B 206 10.60 6.35 -23.92
N MET B 207 11.41 7.33 -23.53
CA MET B 207 12.83 7.34 -23.90
C MET B 207 13.73 7.20 -22.66
N SER B 208 13.09 6.99 -21.50
CA SER B 208 13.79 6.93 -20.22
C SER B 208 13.59 5.58 -19.51
N SER B 209 14.07 5.49 -18.26
CA SER B 209 14.03 4.27 -17.48
C SER B 209 12.62 3.90 -17.01
N GLY B 210 11.69 4.84 -17.16
CA GLY B 210 10.29 4.59 -16.84
C GLY B 210 9.54 3.85 -17.92
N ARG B 211 10.15 3.73 -19.11
CA ARG B 211 9.49 3.09 -20.26
C ARG B 211 8.96 1.70 -19.94
N CYS B 212 7.72 1.46 -20.33
CA CYS B 212 7.09 0.15 -20.21
C CYS B 212 6.03 -0.01 -21.31
N TRP B 213 5.57 -1.25 -21.50
CA TRP B 213 4.50 -1.53 -22.47
C TRP B 213 3.28 -0.66 -22.23
N SER B 214 2.87 -0.52 -20.97
CA SER B 214 1.76 0.36 -20.59
C SER B 214 1.90 1.79 -21.11
N SER B 215 3.11 2.35 -21.02
CA SER B 215 3.31 3.74 -21.39
C SER B 215 3.59 3.92 -22.89
N ASP B 216 4.28 2.96 -23.51
CA ASP B 216 4.67 3.12 -24.91
C ASP B 216 3.80 2.39 -25.96
N THR B 217 2.93 1.50 -25.48
CA THR B 217 2.10 0.70 -26.38
C THR B 217 0.60 0.77 -26.05
N TYR B 218 0.25 1.19 -24.85
CA TYR B 218 -1.13 1.13 -24.39
C TYR B 218 -1.46 2.29 -23.46
N ASN B 219 -0.96 3.48 -23.80
CA ASN B 219 -1.00 4.62 -22.86
C ASN B 219 -2.41 4.94 -22.36
N PRO B 220 -2.59 5.03 -21.03
CA PRO B 220 -3.91 5.20 -20.42
C PRO B 220 -4.50 6.63 -20.51
N VAL B 221 -3.73 7.59 -21.00
CA VAL B 221 -4.21 8.97 -21.09
C VAL B 221 -4.80 9.24 -22.48
N PRO B 222 -6.08 9.66 -22.54
CA PRO B 222 -6.73 9.90 -23.84
C PRO B 222 -6.00 10.99 -24.61
N GLY B 223 -5.77 10.77 -25.90
CA GLY B 223 -5.10 11.75 -26.74
C GLY B 223 -3.60 11.54 -26.92
N VAL B 224 -2.99 10.73 -26.06
CA VAL B 224 -1.56 10.50 -26.15
C VAL B 224 -1.21 9.54 -27.30
N MET B 225 -1.94 8.42 -27.40
CA MET B 225 -1.75 7.44 -28.45
C MET B 225 -3.04 7.17 -29.21
N ASP B 226 -2.92 6.92 -30.52
CA ASP B 226 -4.04 6.41 -31.30
C ASP B 226 -4.13 4.88 -31.14
N GLY B 227 -5.29 4.32 -31.42
CA GLY B 227 -5.48 2.87 -31.50
C GLY B 227 -5.45 2.09 -30.20
N VAL B 228 -5.57 2.81 -29.08
CA VAL B 228 -5.58 2.19 -27.74
C VAL B 228 -6.92 2.54 -27.07
N PRO B 229 -7.37 1.71 -26.11
CA PRO B 229 -8.70 1.95 -25.53
C PRO B 229 -8.93 3.34 -24.93
N SER B 230 -7.87 4.00 -24.45
CA SER B 230 -8.02 5.37 -23.92
C SER B 230 -8.40 6.39 -24.98
N ALA B 231 -8.19 6.03 -26.25
CA ALA B 231 -8.60 6.89 -27.36
C ALA B 231 -10.10 6.79 -27.63
N ASN B 232 -10.73 5.80 -27.06
CA ASN B 232 -12.15 5.58 -27.30
C ASN B 232 -12.94 5.24 -26.04
N ASN B 233 -12.77 6.02 -25.04
CA ASN B 233 -13.46 5.87 -23.76
C ASN B 233 -13.34 4.48 -23.12
N TYR B 234 -12.18 3.86 -23.28
CA TYR B 234 -11.84 2.59 -22.62
C TYR B 234 -12.76 1.44 -22.99
N GLN B 235 -13.31 1.50 -24.21
CA GLN B 235 -14.17 0.44 -24.75
C GLN B 235 -13.30 -0.70 -25.24
N GLY B 236 -13.83 -1.92 -25.12
CA GLY B 236 -13.13 -3.13 -25.56
C GLY B 236 -11.88 -3.40 -24.75
N GLY B 237 -10.83 -3.81 -25.46
CA GLY B 237 -9.55 -4.15 -24.83
C GLY B 237 -9.67 -5.29 -23.84
N PHE B 238 -8.97 -5.14 -22.72
CA PHE B 238 -8.91 -6.15 -21.70
C PHE B 238 -9.67 -5.66 -20.48
N GLY B 239 -10.80 -6.31 -20.21
CA GLY B 239 -11.73 -5.84 -19.19
C GLY B 239 -11.20 -5.78 -17.77
N THR B 240 -11.63 -4.74 -17.06
CA THR B 240 -11.27 -4.53 -15.65
C THR B 240 -11.63 -5.76 -14.79
N THR B 241 -12.78 -6.37 -15.07
CA THR B 241 -13.18 -7.60 -14.36
C THR B 241 -12.14 -8.71 -14.56
N LEU B 242 -11.62 -8.82 -15.77
CA LEU B 242 -10.66 -9.86 -16.12
C LEU B 242 -9.30 -9.61 -15.44
N MET B 243 -8.85 -8.36 -15.49
CA MET B 243 -7.64 -7.95 -14.77
C MET B 243 -7.73 -8.27 -13.27
N ALA B 244 -8.85 -7.93 -12.64
CA ALA B 244 -9.11 -8.26 -11.23
C ALA B 244 -9.09 -9.76 -10.95
N LYS B 245 -9.71 -10.54 -11.82
CA LYS B 245 -9.67 -12.00 -11.70
C LYS B 245 -8.21 -12.50 -11.66
N ASP B 246 -7.41 -12.06 -12.64
CA ASP B 246 -6.03 -12.50 -12.76
C ASP B 246 -5.19 -12.05 -11.55
N LEU B 247 -5.49 -10.87 -11.01
CA LEU B 247 -4.80 -10.38 -9.81
C LEU B 247 -5.23 -11.14 -8.55
N GLY B 248 -6.48 -11.59 -8.54
CA GLY B 248 -6.96 -12.53 -7.52
C GLY B 248 -6.16 -13.82 -7.50
N LEU B 249 -5.86 -14.33 -8.69
CA LEU B 249 -5.01 -15.52 -8.84
C LEU B 249 -3.58 -15.27 -8.32
N ALA B 250 -3.02 -14.13 -8.70
CA ALA B 250 -1.70 -13.73 -8.22
C ALA B 250 -1.69 -13.63 -6.68
N GLN B 251 -2.71 -12.98 -6.13
CA GLN B 251 -2.84 -12.81 -4.69
C GLN B 251 -2.87 -14.17 -3.99
N ASP B 252 -3.74 -15.06 -4.46
CA ASP B 252 -3.86 -16.38 -3.83
C ASP B 252 -2.61 -17.23 -3.95
N SER B 253 -1.94 -17.18 -5.10
CA SER B 253 -0.64 -17.85 -5.27
C SER B 253 0.45 -17.25 -4.39
N ALA B 254 0.39 -15.93 -4.20
CA ALA B 254 1.41 -15.24 -3.42
C ALA B 254 1.30 -15.62 -1.96
N THR B 255 0.06 -15.73 -1.46
CA THR B 255 -0.17 -16.16 -0.08
C THR B 255 0.30 -17.60 0.13
N SER B 256 -0.15 -18.45 -0.79
CA SER B 256 0.18 -19.87 -0.82
C SER B 256 1.70 -20.15 -0.85
N THR B 257 2.44 -19.43 -1.68
CA THR B 257 3.88 -19.63 -1.78
C THR B 257 4.64 -18.71 -0.81
N LYS B 258 3.89 -17.92 -0.04
CA LYS B 258 4.44 -16.99 0.93
C LYS B 258 5.43 -16.01 0.31
N SER B 259 5.04 -15.49 -0.85
CA SER B 259 5.81 -14.47 -1.55
C SER B 259 5.21 -13.12 -1.23
N PRO B 260 6.04 -12.17 -0.72
CA PRO B 260 5.53 -10.84 -0.41
C PRO B 260 5.32 -10.00 -1.66
N ILE B 261 4.11 -9.45 -1.80
CA ILE B 261 3.76 -8.68 -2.98
C ILE B 261 3.08 -7.38 -2.61
N LEU B 262 3.88 -6.43 -2.14
CA LEU B 262 3.36 -5.16 -1.63
C LEU B 262 2.62 -4.37 -2.72
N LEU B 263 3.27 -4.15 -3.86
CA LEU B 263 2.64 -3.39 -4.95
C LEU B 263 1.57 -4.21 -5.68
N GLY B 264 1.83 -5.52 -5.82
CA GLY B 264 0.90 -6.44 -6.46
C GLY B 264 -0.42 -6.59 -5.72
N SER B 265 -0.35 -6.59 -4.38
CA SER B 265 -1.52 -6.61 -3.48
C SER B 265 -2.39 -5.38 -3.66
N LEU B 266 -1.76 -4.21 -3.68
CA LEU B 266 -2.45 -2.94 -3.88
C LEU B 266 -3.12 -2.84 -5.24
N ALA B 267 -2.37 -3.23 -6.28
CA ALA B 267 -2.90 -3.29 -7.64
C ALA B 267 -4.19 -4.08 -7.63
N HIS B 268 -4.15 -5.24 -6.97
CA HIS B 268 -5.31 -6.11 -6.84
C HIS B 268 -6.49 -5.41 -6.15
N GLN B 269 -6.21 -4.69 -5.08
CA GLN B 269 -7.28 -4.03 -4.34
C GLN B 269 -7.85 -2.84 -5.11
N ILE B 270 -6.98 -2.12 -5.82
CA ILE B 270 -7.36 -0.99 -6.68
C ILE B 270 -8.32 -1.46 -7.80
N TYR B 271 -7.96 -2.54 -8.49
CA TYR B 271 -8.84 -3.10 -9.51
C TYR B 271 -10.13 -3.68 -8.92
N ARG B 272 -10.06 -4.23 -7.71
CA ARG B 272 -11.27 -4.64 -6.98
C ARG B 272 -12.23 -3.48 -6.72
N MET B 273 -11.70 -2.36 -6.25
CA MET B 273 -12.53 -1.17 -6.03
C MET B 273 -13.15 -0.70 -7.33
N MET B 274 -12.34 -0.67 -8.40
CA MET B 274 -12.80 -0.27 -9.73
C MET B 274 -13.99 -1.10 -10.23
N CYS B 275 -13.97 -2.40 -9.95
CA CYS B 275 -15.08 -3.29 -10.29
C CYS B 275 -16.40 -2.89 -9.61
N ALA B 276 -16.28 -2.41 -8.37
CA ALA B 276 -17.44 -2.01 -7.56
C ALA B 276 -17.88 -0.57 -7.84
N LYS B 277 -17.19 0.10 -8.75
CA LYS B 277 -17.43 1.52 -8.98
C LYS B 277 -17.67 1.84 -10.45
N GLY B 278 -18.14 0.84 -11.19
CA GLY B 278 -18.60 1.03 -12.55
C GLY B 278 -17.56 0.91 -13.65
N TYR B 279 -16.38 0.43 -13.31
CA TYR B 279 -15.32 0.23 -14.31
C TYR B 279 -15.22 -1.20 -14.85
N SER B 280 -16.01 -2.12 -14.31
CA SER B 280 -15.83 -3.55 -14.59
C SER B 280 -15.87 -3.94 -16.09
N LYS B 281 -16.67 -3.23 -16.88
CA LYS B 281 -16.76 -3.52 -18.31
C LYS B 281 -15.78 -2.67 -19.15
N LYS B 282 -15.11 -1.72 -18.50
CA LYS B 282 -14.11 -0.90 -19.16
C LYS B 282 -12.76 -1.59 -19.21
N ASP B 283 -11.99 -1.27 -20.25
CA ASP B 283 -10.60 -1.69 -20.35
C ASP B 283 -9.87 -1.30 -19.08
N PHE B 284 -8.99 -2.19 -18.61
CA PHE B 284 -8.24 -1.98 -17.37
C PHE B 284 -7.43 -0.67 -17.32
N SER B 285 -7.11 -0.09 -18.48
CA SER B 285 -6.34 1.17 -18.51
C SER B 285 -7.13 2.38 -18.02
N SER B 286 -8.43 2.18 -17.82
CA SER B 286 -9.31 3.22 -17.26
C SER B 286 -8.96 3.59 -15.81
N VAL B 287 -7.94 2.92 -15.26
CA VAL B 287 -7.41 3.27 -13.95
C VAL B 287 -6.95 4.76 -13.90
N PHE B 288 -6.47 5.28 -15.04
CA PHE B 288 -6.18 6.71 -15.14
C PHE B 288 -7.43 7.55 -14.86
N GLN B 289 -8.51 7.25 -15.56
CA GLN B 289 -9.81 7.87 -15.36
C GLN B 289 -10.27 7.78 -13.89
N PHE B 290 -10.04 6.63 -13.28
CA PHE B 290 -10.36 6.40 -11.88
C PHE B 290 -9.53 7.27 -10.93
N LEU B 291 -8.27 7.53 -11.29
CA LEU B 291 -7.38 8.33 -10.44
C LEU B 291 -7.51 9.84 -10.66
N ARG B 292 -7.68 10.21 -11.92
CA ARG B 292 -7.69 11.61 -12.33
C ARG B 292 -8.82 12.41 -11.67
N GLU B 293 -8.55 13.68 -11.36
CA GLU B 293 -9.59 14.61 -10.89
C GLU B 293 -9.72 15.78 -11.86
N PRO C 2 34.27 31.68 -21.41
CA PRO C 2 34.32 30.70 -20.34
C PRO C 2 32.95 30.32 -19.77
N VAL C 3 32.83 29.07 -19.32
CA VAL C 3 31.62 28.56 -18.68
C VAL C 3 31.92 28.25 -17.22
N GLY C 4 31.03 28.66 -16.34
CA GLY C 4 31.16 28.34 -14.93
C GLY C 4 30.63 26.95 -14.61
N PHE C 5 31.29 26.25 -13.70
CA PHE C 5 30.79 24.96 -13.21
C PHE C 5 30.91 24.87 -11.70
N ILE C 6 29.77 24.65 -11.04
CA ILE C 6 29.70 24.56 -9.58
C ILE C 6 29.18 23.20 -9.14
N GLY C 7 30.03 22.47 -8.40
CA GLY C 7 29.70 21.11 -7.96
C GLY C 7 30.35 20.08 -8.84
N LEU C 8 31.38 19.42 -8.30
CA LEU C 8 32.16 18.45 -9.06
C LEU C 8 32.19 17.07 -8.39
N GLY C 9 31.00 16.55 -8.10
CA GLY C 9 30.85 15.21 -7.54
C GLY C 9 30.99 14.15 -8.61
N ASN C 10 30.48 12.95 -8.33
CA ASN C 10 30.54 11.83 -9.27
C ASN C 10 29.84 12.11 -10.62
N MET C 11 29.01 13.14 -10.64
CA MET C 11 28.33 13.57 -11.87
C MET C 11 28.94 14.84 -12.43
N GLY C 12 29.15 15.83 -11.57
CA GLY C 12 29.72 17.13 -11.98
C GLY C 12 31.07 17.04 -12.66
N ASN C 13 31.94 16.21 -12.10
CA ASN C 13 33.30 15.97 -12.63
C ASN C 13 33.32 15.52 -14.09
N PRO C 14 32.70 14.36 -14.42
CA PRO C 14 32.65 13.98 -15.84
C PRO C 14 31.86 14.93 -16.76
N MET C 15 30.88 15.64 -16.22
CA MET C 15 30.13 16.63 -17.00
C MET C 15 31.03 17.79 -17.41
N ALA C 16 31.80 18.30 -16.45
CA ALA C 16 32.74 19.39 -16.68
C ALA C 16 33.81 19.00 -17.69
N LYS C 17 34.28 17.76 -17.59
CA LYS C 17 35.31 17.21 -18.49
C LYS C 17 34.84 17.15 -19.94
N ASN C 18 33.56 16.82 -20.13
CA ASN C 18 32.98 16.80 -21.47
C ASN C 18 32.85 18.19 -22.09
N LEU C 19 32.68 19.21 -21.24
CA LEU C 19 32.72 20.60 -21.72
C LEU C 19 34.11 20.99 -22.18
N MET C 20 35.13 20.51 -21.47
CA MET C 20 36.53 20.76 -21.82
C MET C 20 36.92 20.04 -23.11
N LYS C 21 36.36 18.85 -23.31
CA LYS C 21 36.54 18.08 -24.55
C LYS C 21 35.95 18.81 -25.76
N HIS C 22 34.98 19.68 -25.51
CA HIS C 22 34.35 20.47 -26.58
C HIS C 22 34.98 21.85 -26.73
N GLY C 23 36.01 22.13 -25.93
CA GLY C 23 36.82 23.33 -26.09
C GLY C 23 36.45 24.50 -25.19
N TYR C 24 35.54 24.25 -24.23
CA TYR C 24 35.10 25.30 -23.32
C TYR C 24 36.09 25.53 -22.18
N PRO C 25 36.54 26.81 -22.02
CA PRO C 25 37.28 27.20 -20.82
C PRO C 25 36.33 27.19 -19.64
N LEU C 26 36.80 26.75 -18.48
CA LEU C 26 35.94 26.57 -17.31
C LEU C 26 36.36 27.40 -16.11
N ILE C 27 35.37 27.92 -15.40
CA ILE C 27 35.59 28.56 -14.09
C ILE C 27 34.91 27.73 -13.01
N ILE C 28 35.72 27.19 -12.11
CA ILE C 28 35.34 26.09 -11.24
C ILE C 28 35.14 26.50 -9.78
N TYR C 29 34.12 25.93 -9.16
CA TYR C 29 33.99 25.92 -7.70
C TYR C 29 33.36 24.63 -7.19
N ASP C 30 33.91 24.12 -6.08
CA ASP C 30 33.29 23.09 -5.27
C ASP C 30 33.66 23.38 -3.83
N VAL C 31 32.75 23.10 -2.89
CA VAL C 31 33.00 23.31 -1.46
C VAL C 31 34.18 22.46 -0.97
N PHE C 32 34.44 21.36 -1.67
CA PHE C 32 35.61 20.51 -1.42
C PHE C 32 36.76 20.91 -2.35
N PRO C 33 37.82 21.54 -1.77
CA PRO C 33 38.97 21.99 -2.57
C PRO C 33 39.70 20.84 -3.27
N ASP C 34 39.66 19.65 -2.68
CA ASP C 34 40.29 18.46 -3.25
C ASP C 34 39.67 18.03 -4.57
N ALA C 35 38.37 18.28 -4.72
CA ALA C 35 37.66 17.97 -5.96
C ALA C 35 37.96 18.96 -7.09
N CYS C 36 38.64 20.07 -6.74
CA CYS C 36 39.00 21.11 -7.70
C CYS C 36 40.42 20.98 -8.22
N LYS C 37 41.29 20.34 -7.44
CA LYS C 37 42.72 20.22 -7.75
C LYS C 37 42.99 19.58 -9.12
N GLU C 38 42.20 18.58 -9.46
CA GLU C 38 42.28 17.87 -10.74
C GLU C 38 42.15 18.81 -11.95
N PHE C 39 41.22 19.76 -11.84
CA PHE C 39 40.93 20.72 -12.91
C PHE C 39 41.93 21.87 -12.95
N GLN C 40 42.45 22.24 -11.79
CA GLN C 40 43.46 23.30 -11.68
C GLN C 40 44.78 22.85 -12.32
N ASP C 41 45.09 21.57 -12.16
CA ASP C 41 46.29 20.96 -12.73
C ASP C 41 46.28 20.94 -14.26
N ALA C 42 45.15 21.32 -14.86
CA ALA C 42 44.95 21.21 -16.31
C ALA C 42 44.59 22.52 -17.01
N GLY C 43 44.76 23.64 -16.31
CA GLY C 43 44.58 24.96 -16.92
C GLY C 43 43.18 25.58 -16.84
N GLU C 44 42.34 25.03 -15.97
CA GLU C 44 41.02 25.63 -15.71
C GLU C 44 41.11 26.52 -14.47
N GLN C 45 40.36 27.61 -14.49
CA GLN C 45 40.42 28.58 -13.39
C GLN C 45 39.54 28.16 -12.23
N VAL C 46 40.17 27.92 -11.08
CA VAL C 46 39.45 27.59 -9.84
C VAL C 46 39.33 28.84 -8.98
N VAL C 47 38.10 29.16 -8.57
CA VAL C 47 37.84 30.33 -7.72
C VAL C 47 37.33 29.92 -6.33
N SER C 48 37.07 30.90 -5.49
CA SER C 48 36.80 30.65 -4.06
C SER C 48 35.32 30.58 -3.67
N SER C 49 34.44 31.07 -4.53
CA SER C 49 32.99 31.06 -4.25
C SER C 49 32.17 30.96 -5.54
N PRO C 50 30.89 30.56 -5.43
CA PRO C 50 29.96 30.64 -6.57
C PRO C 50 29.80 32.07 -7.11
N ALA C 51 29.82 33.06 -6.21
CA ALA C 51 29.81 34.47 -6.60
C ALA C 51 30.99 34.80 -7.51
N ASP C 52 32.17 34.30 -7.15
CA ASP C 52 33.38 34.50 -7.93
C ASP C 52 33.32 33.81 -9.31
N VAL C 53 32.57 32.72 -9.40
CA VAL C 53 32.29 32.07 -10.69
C VAL C 53 31.43 33.01 -11.56
N ALA C 54 30.39 33.57 -10.97
CA ALA C 54 29.46 34.48 -11.66
C ALA C 54 30.12 35.78 -12.08
N GLU C 55 31.16 36.17 -11.35
CA GLU C 55 31.93 37.37 -11.62
C GLU C 55 32.70 37.26 -12.95
N LYS C 56 33.02 36.03 -13.33
CA LYS C 56 33.89 35.79 -14.49
C LYS C 56 33.23 35.01 -15.64
N ALA C 57 32.05 34.43 -15.39
CA ALA C 57 31.35 33.65 -16.41
C ALA C 57 29.89 34.09 -16.60
N ASP C 58 29.48 34.23 -17.86
CA ASP C 58 28.11 34.60 -18.20
C ASP C 58 27.19 33.40 -18.45
N ARG C 59 27.76 32.20 -18.39
CA ARG C 59 26.98 30.95 -18.42
C ARG C 59 27.52 30.02 -17.34
N ILE C 60 26.62 29.58 -16.47
CA ILE C 60 27.01 28.74 -15.34
C ILE C 60 26.14 27.50 -15.24
N ILE C 61 26.78 26.36 -15.00
CA ILE C 61 26.09 25.12 -14.72
C ILE C 61 26.30 24.77 -13.26
N THR C 62 25.20 24.49 -12.56
CA THR C 62 25.28 24.01 -11.20
C THR C 62 24.83 22.56 -11.15
N MET C 63 25.62 21.74 -10.46
CA MET C 63 25.31 20.32 -10.29
C MET C 63 25.51 19.92 -8.83
N LEU C 64 24.41 20.00 -8.08
CA LEU C 64 24.47 19.82 -6.63
C LEU C 64 23.58 18.67 -6.13
N PRO C 65 23.97 18.05 -5.01
CA PRO C 65 23.29 16.86 -4.48
C PRO C 65 21.88 17.07 -3.90
N THR C 66 21.57 18.28 -3.46
CA THR C 66 20.34 18.53 -2.68
C THR C 66 19.70 19.88 -2.97
N SER C 67 18.42 20.02 -2.59
CA SER C 67 17.70 21.30 -2.64
C SER C 67 18.44 22.37 -1.87
N ILE C 68 18.88 22.04 -0.65
CA ILE C 68 19.55 23.00 0.22
C ILE C 68 20.88 23.50 -0.36
N ASN C 69 21.71 22.58 -0.86
CA ASN C 69 22.97 22.94 -1.50
C ASN C 69 22.75 23.84 -2.71
N ALA C 70 21.67 23.55 -3.46
CA ALA C 70 21.30 24.31 -4.65
C ALA C 70 20.96 25.76 -4.32
N ILE C 71 20.09 25.98 -3.34
CA ILE C 71 19.69 27.33 -2.96
C ILE C 71 20.84 28.11 -2.31
N GLU C 72 21.73 27.39 -1.63
CA GLU C 72 22.92 28.00 -1.04
C GLU C 72 23.87 28.50 -2.13
N ALA C 73 24.00 27.71 -3.20
CA ALA C 73 24.85 28.07 -4.34
C ALA C 73 24.36 29.30 -5.08
N TYR C 74 23.04 29.52 -5.06
CA TYR C 74 22.44 30.68 -5.71
C TYR C 74 22.22 31.84 -4.74
N SER C 75 21.49 31.57 -3.66
CA SER C 75 21.01 32.61 -2.74
C SER C 75 21.85 32.76 -1.47
N GLY C 76 22.89 31.94 -1.33
CA GLY C 76 23.77 32.00 -0.16
C GLY C 76 24.57 33.28 -0.07
N ALA C 77 25.30 33.43 1.04
CA ALA C 77 26.11 34.63 1.34
C ALA C 77 27.14 34.95 0.26
N ASN C 78 27.67 33.89 -0.37
CA ASN C 78 28.61 34.02 -1.47
C ASN C 78 28.08 33.29 -2.70
N GLY C 79 26.76 33.30 -2.83
CA GLY C 79 26.07 32.61 -3.92
C GLY C 79 26.15 33.36 -5.23
N ILE C 80 25.77 32.68 -6.30
CA ILE C 80 25.81 33.22 -7.67
C ILE C 80 25.20 34.63 -7.76
N LEU C 81 24.05 34.79 -7.09
CA LEU C 81 23.26 36.01 -7.19
C LEU C 81 23.95 37.27 -6.67
N LYS C 82 24.97 37.09 -5.83
CA LYS C 82 25.72 38.23 -5.29
C LYS C 82 26.52 38.98 -6.36
N LYS C 83 26.91 38.28 -7.42
CA LYS C 83 27.76 38.85 -8.46
C LYS C 83 27.33 38.51 -9.89
N VAL C 84 26.12 37.98 -10.05
CA VAL C 84 25.61 37.63 -11.38
C VAL C 84 25.38 38.87 -12.24
N LYS C 85 25.85 38.82 -13.49
CA LYS C 85 25.66 39.92 -14.44
C LYS C 85 24.38 39.76 -15.25
N LYS C 86 23.85 40.90 -15.70
CA LYS C 86 22.66 40.95 -16.54
C LYS C 86 22.83 40.08 -17.80
N GLY C 87 21.78 39.36 -18.15
CA GLY C 87 21.77 38.53 -19.36
C GLY C 87 22.51 37.21 -19.24
N SER C 88 22.95 36.88 -18.02
CA SER C 88 23.62 35.60 -17.78
C SER C 88 22.64 34.44 -17.87
N LEU C 89 23.13 33.32 -18.40
CA LEU C 89 22.37 32.07 -18.48
C LEU C 89 22.80 31.16 -17.34
N LEU C 90 21.86 30.80 -16.48
CA LEU C 90 22.13 29.90 -15.36
C LEU C 90 21.32 28.61 -15.52
N ILE C 91 22.02 27.48 -15.53
CA ILE C 91 21.39 26.18 -15.72
C ILE C 91 21.69 25.34 -14.50
N ASP C 92 20.62 24.91 -13.82
CA ASP C 92 20.76 24.03 -12.67
C ASP C 92 20.38 22.61 -13.03
N SER C 93 21.40 21.75 -13.06
CA SER C 93 21.23 20.35 -13.43
C SER C 93 21.03 19.46 -12.20
N SER C 94 21.03 20.08 -11.03
CA SER C 94 20.63 19.40 -9.80
C SER C 94 19.21 18.86 -9.93
N THR C 95 18.93 17.76 -9.25
CA THR C 95 17.56 17.27 -9.13
C THR C 95 16.98 17.77 -7.81
N ILE C 96 16.02 18.68 -7.93
CA ILE C 96 15.41 19.33 -6.77
C ILE C 96 13.91 19.51 -6.98
N ASP C 97 13.23 19.93 -5.92
CA ASP C 97 11.81 20.26 -5.99
C ASP C 97 11.51 21.28 -7.09
N PRO C 98 10.51 20.98 -7.95
CA PRO C 98 10.08 21.91 -9.01
C PRO C 98 9.77 23.31 -8.47
N ALA C 99 9.11 23.37 -7.31
CA ALA C 99 8.78 24.65 -6.67
C ALA C 99 10.00 25.48 -6.28
N VAL C 100 11.10 24.81 -5.91
CA VAL C 100 12.34 25.49 -5.55
C VAL C 100 13.00 26.06 -6.79
N SER C 101 12.95 25.30 -7.89
CA SER C 101 13.40 25.76 -9.21
C SER C 101 12.72 27.07 -9.58
N LYS C 102 11.39 27.11 -9.41
CA LYS C 102 10.60 28.31 -9.71
C LYS C 102 10.99 29.49 -8.83
N GLU C 103 11.17 29.25 -7.52
CA GLU C 103 11.58 30.31 -6.61
C GLU C 103 12.97 30.84 -6.93
N LEU C 104 13.90 29.93 -7.28
CA LEU C 104 15.21 30.32 -7.75
C LEU C 104 15.10 31.18 -9.01
N ALA C 105 14.25 30.75 -9.94
CA ALA C 105 14.06 31.47 -11.20
C ALA C 105 13.58 32.91 -10.97
N LYS C 106 12.63 33.09 -10.05
CA LYS C 106 12.12 34.43 -9.74
C LYS C 106 13.22 35.33 -9.16
N GLU C 107 14.13 34.74 -8.38
CA GLU C 107 15.23 35.50 -7.81
C GLU C 107 16.31 35.89 -8.81
N VAL C 108 16.67 34.97 -9.72
CA VAL C 108 17.66 35.31 -10.75
C VAL C 108 17.09 36.31 -11.75
N GLU C 109 15.78 36.28 -11.91
CA GLU C 109 15.03 37.20 -12.76
C GLU C 109 15.13 38.63 -12.24
N LYS C 110 15.02 38.80 -10.93
CA LYS C 110 15.19 40.11 -10.27
C LYS C 110 16.54 40.71 -10.62
N MET C 111 17.54 39.85 -10.79
CA MET C 111 18.90 40.26 -11.14
C MET C 111 19.10 40.38 -12.67
N GLY C 112 18.00 40.29 -13.42
CA GLY C 112 18.02 40.47 -14.87
C GLY C 112 18.70 39.35 -15.63
N ALA C 113 18.77 38.17 -15.01
CA ALA C 113 19.34 36.98 -15.65
C ALA C 113 18.26 35.92 -15.90
N VAL C 114 18.67 34.82 -16.55
CA VAL C 114 17.75 33.73 -16.89
C VAL C 114 18.13 32.42 -16.19
N PHE C 115 17.14 31.77 -15.59
CA PHE C 115 17.31 30.47 -14.95
C PHE C 115 16.61 29.38 -15.74
N MET C 116 17.29 28.24 -15.89
CA MET C 116 16.66 27.03 -16.43
C MET C 116 17.00 25.81 -15.60
N ASP C 117 15.99 25.00 -15.28
CA ASP C 117 16.22 23.70 -14.66
C ASP C 117 16.53 22.68 -15.75
N ALA C 118 17.62 21.94 -15.57
CA ALA C 118 17.98 20.89 -16.51
C ALA C 118 18.50 19.62 -15.80
N PRO C 119 17.65 18.97 -14.97
CA PRO C 119 18.06 17.72 -14.32
C PRO C 119 18.39 16.62 -15.32
N VAL C 120 19.30 15.74 -14.92
CA VAL C 120 19.82 14.70 -15.81
C VAL C 120 19.36 13.31 -15.45
N SER C 121 19.12 12.49 -16.45
CA SER C 121 19.02 11.06 -16.22
C SER C 121 20.11 10.33 -17.02
N GLY C 122 20.73 9.35 -16.37
CA GLY C 122 21.67 8.48 -17.08
C GLY C 122 22.75 7.88 -16.20
N GLY C 123 23.19 8.65 -15.20
CA GLY C 123 24.23 8.18 -14.29
C GLY C 123 25.65 8.37 -14.79
N VAL C 124 26.60 7.92 -13.98
CA VAL C 124 28.02 8.23 -14.14
C VAL C 124 28.60 7.75 -15.47
N GLY C 125 28.08 6.63 -15.97
CA GLY C 125 28.47 6.09 -17.27
C GLY C 125 28.10 7.04 -18.41
N ALA C 126 26.82 7.44 -18.43
CA ALA C 126 26.32 8.37 -19.44
C ALA C 126 26.94 9.77 -19.27
N ALA C 127 27.22 10.13 -18.02
CA ALA C 127 27.88 11.39 -17.68
C ALA C 127 29.26 11.45 -18.32
N ARG C 128 29.98 10.34 -18.22
CA ARG C 128 31.33 10.21 -18.77
C ARG C 128 31.33 10.18 -20.30
N SER C 129 30.42 9.39 -20.86
CA SER C 129 30.30 9.18 -22.30
C SER C 129 29.69 10.40 -23.03
N GLY C 130 28.94 11.21 -22.29
CA GLY C 130 28.21 12.35 -22.87
C GLY C 130 26.88 11.89 -23.45
N ASN C 131 26.31 10.85 -22.85
CA ASN C 131 25.04 10.30 -23.30
C ASN C 131 23.87 10.53 -22.34
N LEU C 132 23.98 11.59 -21.54
CA LEU C 132 22.92 11.95 -20.60
C LEU C 132 21.67 12.52 -21.29
N THR C 133 20.54 12.39 -20.59
CA THR C 133 19.30 13.03 -20.99
C THR C 133 19.12 14.27 -20.13
N PHE C 134 18.95 15.42 -20.77
CA PHE C 134 18.61 16.65 -20.05
C PHE C 134 17.15 16.98 -20.29
N MET C 135 16.44 17.19 -19.19
CA MET C 135 15.05 17.58 -19.21
C MET C 135 15.03 19.04 -18.78
N VAL C 136 14.67 19.92 -19.70
CA VAL C 136 14.88 21.36 -19.51
C VAL C 136 13.59 22.15 -19.42
N GLY C 137 13.44 22.88 -18.31
CA GLY C 137 12.36 23.84 -18.13
C GLY C 137 12.86 25.28 -18.18
N GLY C 138 12.01 26.19 -18.62
CA GLY C 138 12.36 27.60 -18.72
C GLY C 138 11.73 28.29 -19.91
N VAL C 139 12.03 29.59 -20.06
CA VAL C 139 11.56 30.35 -21.21
C VAL C 139 12.15 29.76 -22.49
N GLU C 140 11.28 29.40 -23.44
CA GLU C 140 11.74 28.62 -24.58
C GLU C 140 12.62 29.39 -25.55
N ASP C 141 12.56 30.72 -25.54
CA ASP C 141 13.50 31.51 -26.34
C ASP C 141 14.94 31.19 -25.94
N GLU C 142 15.13 30.78 -24.69
CA GLU C 142 16.45 30.48 -24.14
C GLU C 142 16.93 29.05 -24.36
N PHE C 143 16.02 28.16 -24.77
CA PHE C 143 16.37 26.74 -24.87
C PHE C 143 17.47 26.44 -25.87
N ALA C 144 17.39 27.05 -27.06
CA ALA C 144 18.39 26.84 -28.11
C ALA C 144 19.80 27.19 -27.62
N ALA C 145 19.93 28.29 -26.88
CA ALA C 145 21.20 28.69 -26.27
C ALA C 145 21.68 27.64 -25.27
N ALA C 146 20.77 27.21 -24.40
CA ALA C 146 21.07 26.17 -23.41
C ALA C 146 21.46 24.85 -24.07
N GLN C 147 20.78 24.50 -25.16
CA GLN C 147 21.03 23.21 -25.84
C GLN C 147 22.44 23.14 -26.40
N GLU C 148 22.99 24.29 -26.80
CA GLU C 148 24.36 24.35 -27.30
C GLU C 148 25.36 23.88 -26.24
N LEU C 149 25.14 24.28 -25.00
CA LEU C 149 25.98 23.86 -23.86
C LEU C 149 25.72 22.42 -23.46
N LEU C 150 24.45 22.10 -23.22
CA LEU C 150 24.06 20.81 -22.69
C LEU C 150 24.32 19.67 -23.67
N GLY C 151 24.22 19.98 -24.96
CA GLY C 151 24.48 19.01 -26.03
C GLY C 151 25.90 18.46 -26.04
N CYS C 152 26.81 19.19 -25.37
CA CYS C 152 28.19 18.73 -25.19
C CYS C 152 28.31 17.68 -24.09
N MET C 153 27.30 17.61 -23.22
CA MET C 153 27.31 16.71 -22.06
C MET C 153 26.27 15.61 -22.16
N GLY C 154 25.33 15.76 -23.08
CA GLY C 154 24.26 14.79 -23.24
C GLY C 154 23.91 14.51 -24.69
N SER C 155 23.29 13.36 -24.90
CA SER C 155 22.83 12.89 -26.20
C SER C 155 21.38 13.32 -26.52
N ASN C 156 20.59 13.49 -25.47
CA ASN C 156 19.20 13.97 -25.56
C ASN C 156 19.02 15.22 -24.72
N VAL C 157 18.52 16.29 -25.32
CA VAL C 157 18.15 17.49 -24.58
C VAL C 157 16.71 17.83 -24.96
N VAL C 158 15.82 17.71 -23.97
CA VAL C 158 14.39 17.81 -24.21
C VAL C 158 13.80 19.01 -23.51
N TYR C 159 13.11 19.87 -24.26
CA TYR C 159 12.40 20.99 -23.67
C TYR C 159 11.08 20.50 -23.08
N CYS C 160 10.88 20.77 -21.79
CA CYS C 160 9.72 20.26 -21.06
C CYS C 160 8.62 21.30 -20.79
N GLY C 161 8.95 22.57 -21.01
CA GLY C 161 8.03 23.68 -20.73
C GLY C 161 8.68 24.72 -19.84
N ALA C 162 7.85 25.42 -19.05
CA ALA C 162 8.32 26.50 -18.17
C ALA C 162 9.19 25.95 -17.05
N VAL C 163 9.79 26.84 -16.25
CA VAL C 163 10.71 26.44 -15.19
C VAL C 163 10.03 25.46 -14.22
N GLY C 164 10.77 24.41 -13.85
CA GLY C 164 10.26 23.38 -12.96
C GLY C 164 9.74 22.15 -13.69
N THR C 165 9.49 22.29 -15.00
CA THR C 165 8.93 21.18 -15.80
C THR C 165 9.96 20.10 -16.07
N GLY C 166 11.23 20.49 -16.10
CA GLY C 166 12.33 19.54 -16.22
C GLY C 166 12.39 18.67 -14.95
N GLN C 167 12.40 19.33 -13.80
CA GLN C 167 12.32 18.62 -12.50
C GLN C 167 11.10 17.71 -12.43
N ALA C 168 9.95 18.23 -12.85
CA ALA C 168 8.71 17.47 -12.87
C ALA C 168 8.78 16.20 -13.75
N ALA C 169 9.29 16.35 -14.97
CA ALA C 169 9.47 15.22 -15.89
C ALA C 169 10.37 14.16 -15.27
N LYS C 170 11.50 14.58 -14.71
CA LYS C 170 12.48 13.67 -14.11
C LYS C 170 11.87 12.91 -12.91
N ILE C 171 11.17 13.63 -12.05
CA ILE C 171 10.54 13.07 -10.86
C ILE C 171 9.45 12.04 -11.21
N CYS C 172 8.65 12.33 -12.23
CA CYS C 172 7.61 11.41 -12.69
C CYS C 172 8.20 10.17 -13.32
N ASN C 173 9.23 10.33 -14.14
CA ASN C 173 9.91 9.16 -14.70
C ASN C 173 10.45 8.23 -13.62
N ASN C 174 11.21 8.78 -12.67
CA ASN C 174 11.81 7.99 -11.64
C ASN C 174 10.79 7.31 -10.72
N MET C 175 9.66 7.98 -10.50
CA MET C 175 8.59 7.34 -9.75
C MET C 175 8.06 6.10 -10.46
N LEU C 176 7.80 6.22 -11.76
CA LEU C 176 7.31 5.10 -12.56
C LEU C 176 8.36 3.99 -12.64
N LEU C 177 9.63 4.39 -12.76
CA LEU C 177 10.75 3.47 -12.67
C LEU C 177 10.75 2.66 -11.36
N ALA C 178 10.60 3.35 -10.23
CA ALA C 178 10.62 2.67 -8.94
C ALA C 178 9.50 1.66 -8.83
N ILE C 179 8.30 2.08 -9.20
CA ILE C 179 7.11 1.23 -9.19
C ILE C 179 7.32 -0.02 -10.06
N SER C 180 7.85 0.18 -11.27
CA SER C 180 8.08 -0.91 -12.21
C SER C 180 9.21 -1.83 -11.76
N MET C 181 10.27 -1.26 -11.21
CA MET C 181 11.37 -2.08 -10.70
C MET C 181 10.91 -2.97 -9.56
N ILE C 182 10.17 -2.39 -8.60
CA ILE C 182 9.63 -3.19 -7.51
C ILE C 182 8.68 -4.24 -8.05
N GLY C 183 7.84 -3.85 -9.00
CA GLY C 183 6.89 -4.75 -9.64
C GLY C 183 7.59 -5.94 -10.27
N THR C 184 8.66 -5.65 -11.04
CA THR C 184 9.46 -6.68 -11.70
C THR C 184 10.07 -7.60 -10.67
N ALA C 185 10.62 -7.03 -9.60
CA ALA C 185 11.17 -7.81 -8.51
C ALA C 185 10.11 -8.72 -7.86
N GLU C 186 8.90 -8.18 -7.63
CA GLU C 186 7.82 -8.96 -7.03
C GLU C 186 7.32 -10.06 -7.95
N ALA C 187 7.16 -9.73 -9.24
CA ALA C 187 6.71 -10.71 -10.23
C ALA C 187 7.74 -11.82 -10.40
N MET C 188 9.02 -11.45 -10.49
CA MET C 188 10.10 -12.41 -10.64
C MET C 188 10.20 -13.33 -9.41
N ASN C 189 10.15 -12.73 -8.23
CA ASN C 189 10.20 -13.50 -6.99
C ASN C 189 9.01 -14.47 -6.86
N LEU C 190 7.80 -14.00 -7.15
CA LEU C 190 6.62 -14.85 -7.12
C LEU C 190 6.78 -16.01 -8.11
N GLY C 191 7.24 -15.68 -9.32
CA GLY C 191 7.47 -16.67 -10.37
C GLY C 191 8.42 -17.77 -9.91
N ILE C 192 9.56 -17.36 -9.34
CA ILE C 192 10.55 -18.31 -8.82
C ILE C 192 9.94 -19.20 -7.74
N ARG C 193 9.20 -18.57 -6.82
CA ARG C 193 8.57 -19.31 -5.74
C ARG C 193 7.46 -20.24 -6.24
N LEU C 194 6.91 -19.94 -7.42
CA LEU C 194 5.94 -20.82 -8.08
C LEU C 194 6.59 -21.93 -8.90
N GLY C 195 7.92 -21.92 -8.96
CA GLY C 195 8.67 -22.99 -9.60
C GLY C 195 9.14 -22.70 -11.02
N LEU C 196 9.08 -21.43 -11.41
CA LEU C 196 9.57 -21.02 -12.73
C LEU C 196 11.07 -20.74 -12.72
N ASP C 197 11.73 -21.08 -13.82
CA ASP C 197 13.10 -20.65 -14.10
C ASP C 197 13.03 -19.15 -14.40
N PRO C 198 13.79 -18.33 -13.65
CA PRO C 198 13.73 -16.87 -13.84
C PRO C 198 14.14 -16.38 -15.24
N LYS C 199 15.09 -17.05 -15.89
CA LYS C 199 15.43 -16.76 -17.29
C LYS C 199 14.22 -16.90 -18.19
N LEU C 200 13.46 -17.98 -18.00
CA LEU C 200 12.26 -18.19 -18.77
C LEU C 200 11.19 -17.12 -18.48
N LEU C 201 10.99 -16.81 -17.20
CA LEU C 201 10.00 -15.78 -16.86
C LEU C 201 10.38 -14.43 -17.43
N ALA C 202 11.66 -14.05 -17.33
CA ALA C 202 12.14 -12.81 -17.94
C ALA C 202 11.83 -12.77 -19.45
N LYS C 203 12.07 -13.90 -20.13
CA LYS C 203 11.77 -14.00 -21.56
C LYS C 203 10.29 -13.76 -21.85
N ILE C 204 9.42 -14.38 -21.05
CA ILE C 204 7.98 -14.18 -21.17
C ILE C 204 7.57 -12.73 -20.90
N LEU C 205 8.07 -12.15 -19.81
CA LEU C 205 7.79 -10.75 -19.49
C LEU C 205 8.16 -9.84 -20.66
N ASN C 206 9.36 -10.05 -21.20
CA ASN C 206 9.92 -9.19 -22.23
C ASN C 206 9.33 -9.35 -23.63
N MET C 207 8.49 -10.37 -23.81
CA MET C 207 7.74 -10.49 -25.06
C MET C 207 6.25 -10.19 -24.87
N SER C 208 5.87 -9.82 -23.65
CA SER C 208 4.46 -9.65 -23.30
C SER C 208 4.16 -8.24 -22.79
N SER C 209 2.93 -8.06 -22.32
CA SER C 209 2.44 -6.78 -21.83
C SER C 209 3.12 -6.29 -20.54
N GLY C 210 3.84 -7.18 -19.87
CA GLY C 210 4.58 -6.81 -18.66
C GLY C 210 5.94 -6.16 -18.94
N ARG C 211 6.38 -6.17 -20.19
CA ARG C 211 7.70 -5.67 -20.57
C ARG C 211 7.94 -4.21 -20.15
N CYS C 212 9.08 -3.97 -19.52
CA CYS C 212 9.48 -2.62 -19.16
C CYS C 212 11.00 -2.55 -19.18
N TRP C 213 11.51 -1.33 -19.05
CA TRP C 213 12.93 -1.08 -19.03
C TRP C 213 13.60 -1.89 -17.91
N SER C 214 12.97 -1.91 -16.73
CA SER C 214 13.45 -2.70 -15.58
C SER C 214 13.66 -4.18 -15.92
N SER C 215 12.70 -4.77 -16.66
CA SER C 215 12.74 -6.20 -16.93
C SER C 215 13.59 -6.57 -18.15
N ASP C 216 13.63 -5.69 -19.16
CA ASP C 216 14.36 -5.96 -20.41
C ASP C 216 15.75 -5.33 -20.53
N THR C 217 16.08 -4.38 -19.67
CA THR C 217 17.36 -3.63 -19.75
C THR C 217 18.15 -3.64 -18.44
N TYR C 218 17.49 -3.91 -17.32
CA TYR C 218 18.10 -3.74 -16.01
C TYR C 218 17.60 -4.78 -15.03
N ASN C 219 17.44 -6.02 -15.49
CA ASN C 219 16.76 -7.04 -14.71
C ASN C 219 17.37 -7.28 -13.32
N PRO C 220 16.54 -7.22 -12.26
CA PRO C 220 17.01 -7.27 -10.87
C PRO C 220 17.42 -8.66 -10.37
N VAL C 221 17.29 -9.62 -11.18
CA VAL C 221 17.56 -11.00 -10.77
C VAL C 221 18.97 -11.42 -11.21
N PRO C 222 19.85 -11.79 -10.31
CA PRO C 222 21.20 -12.19 -10.71
C PRO C 222 21.18 -13.40 -11.63
N GLY C 223 21.96 -13.33 -12.71
CA GLY C 223 22.05 -14.42 -13.68
C GLY C 223 21.15 -14.29 -14.90
N VAL C 224 20.16 -13.40 -14.84
CA VAL C 224 19.25 -13.24 -15.98
C VAL C 224 19.86 -12.41 -17.11
N MET C 225 20.49 -11.29 -16.76
CA MET C 225 21.18 -10.44 -17.73
C MET C 225 22.63 -10.18 -17.34
N ASP C 226 23.51 -10.11 -18.35
CA ASP C 226 24.88 -9.65 -18.14
C ASP C 226 24.89 -8.12 -18.17
N GLY C 227 25.91 -7.51 -17.56
CA GLY C 227 26.14 -6.07 -17.64
C GLY C 227 25.18 -5.17 -16.87
N VAL C 228 24.46 -5.75 -15.92
CA VAL C 228 23.57 -4.99 -15.02
C VAL C 228 24.04 -5.21 -13.58
N PRO C 229 23.69 -4.28 -12.66
CA PRO C 229 24.13 -4.39 -11.26
C PRO C 229 23.83 -5.73 -10.57
N SER C 230 22.71 -6.36 -10.89
CA SER C 230 22.38 -7.67 -10.30
C SER C 230 23.36 -8.78 -10.68
N ALA C 231 24.13 -8.57 -11.75
CA ALA C 231 25.20 -9.50 -12.13
C ALA C 231 26.43 -9.37 -11.22
N ASN C 232 26.43 -8.32 -10.42
CA ASN C 232 27.63 -7.84 -9.73
C ASN C 232 27.31 -7.46 -8.29
N ASN C 233 26.46 -8.23 -7.64
CA ASN C 233 25.96 -7.93 -6.28
C ASN C 233 25.52 -6.49 -6.03
N TYR C 234 24.85 -5.93 -7.04
CA TYR C 234 24.21 -4.62 -6.98
C TYR C 234 25.19 -3.48 -6.68
N GLN C 235 26.45 -3.67 -7.08
CA GLN C 235 27.46 -2.63 -6.97
C GLN C 235 27.22 -1.54 -8.01
N GLY C 236 27.59 -0.32 -7.67
CA GLY C 236 27.49 0.81 -8.59
C GLY C 236 26.07 1.12 -9.00
N GLY C 237 25.88 1.41 -10.28
CA GLY C 237 24.59 1.78 -10.83
C GLY C 237 23.99 3.03 -10.20
N PHE C 238 22.69 3.00 -9.94
CA PHE C 238 21.95 4.10 -9.36
C PHE C 238 21.57 3.78 -7.91
N GLY C 239 22.22 4.47 -6.97
CA GLY C 239 22.14 4.16 -5.55
C GLY C 239 20.75 4.23 -4.96
N THR C 240 20.45 3.25 -4.10
CA THR C 240 19.20 3.20 -3.33
C THR C 240 18.90 4.52 -2.60
N THR C 241 19.94 5.13 -2.01
CA THR C 241 19.81 6.46 -1.38
C THR C 241 19.26 7.49 -2.35
N LEU C 242 19.78 7.48 -3.57
CA LEU C 242 19.39 8.44 -4.59
C LEU C 242 17.97 8.20 -5.09
N MET C 243 17.61 6.94 -5.33
CA MET C 243 16.23 6.57 -5.65
C MET C 243 15.24 7.06 -4.57
N ALA C 244 15.58 6.81 -3.31
CA ALA C 244 14.75 7.27 -2.18
C ALA C 244 14.62 8.80 -2.13
N LYS C 245 15.70 9.53 -2.40
CA LYS C 245 15.64 10.98 -2.48
C LYS C 245 14.63 11.41 -3.56
N ASP C 246 14.77 10.85 -4.76
CA ASP C 246 13.90 11.20 -5.87
C ASP C 246 12.43 10.90 -5.60
N LEU C 247 12.17 9.79 -4.89
CA LEU C 247 10.82 9.41 -4.51
C LEU C 247 10.27 10.32 -3.42
N GLY C 248 11.16 10.84 -2.58
CA GLY C 248 10.80 11.85 -1.59
C GLY C 248 10.30 13.11 -2.28
N LEU C 249 10.98 13.48 -3.36
CA LEU C 249 10.55 14.61 -4.18
C LEU C 249 9.17 14.34 -4.86
N ALA C 250 8.97 13.13 -5.37
CA ALA C 250 7.68 12.73 -5.95
C ALA C 250 6.58 12.83 -4.90
N GLN C 251 6.87 12.29 -3.72
CA GLN C 251 5.93 12.33 -2.61
C GLN C 251 5.52 13.76 -2.26
N ASP C 252 6.52 14.63 -2.09
CA ASP C 252 6.29 16.02 -1.71
C ASP C 252 5.44 16.76 -2.76
N SER C 253 5.73 16.54 -4.04
CA SER C 253 4.98 17.14 -5.14
C SER C 253 3.57 16.59 -5.28
N ALA C 254 3.41 15.31 -4.96
CA ALA C 254 2.10 14.67 -5.06
C ALA C 254 1.18 15.23 -4.00
N THR C 255 1.69 15.39 -2.84
CA THR C 255 0.97 16.00 -1.74
C THR C 255 0.59 17.43 -2.07
N SER C 256 1.60 18.19 -2.43
CA SER C 256 1.46 19.59 -2.87
C SER C 256 0.41 19.78 -3.96
N THR C 257 0.49 18.96 -5.00
CA THR C 257 -0.46 19.02 -6.12
C THR C 257 -1.73 18.20 -5.87
N LYS C 258 -1.85 17.63 -4.68
CA LYS C 258 -2.98 16.75 -4.31
C LYS C 258 -3.25 15.61 -5.32
N SER C 259 -2.19 14.95 -5.77
CA SER C 259 -2.29 13.82 -6.69
C SER C 259 -2.14 12.51 -5.93
N PRO C 260 -3.13 11.60 -6.05
CA PRO C 260 -3.04 10.29 -5.37
C PRO C 260 -2.02 9.37 -6.03
N ILE C 261 -1.09 8.88 -5.22
CA ILE C 261 -0.04 8.00 -5.72
C ILE C 261 0.06 6.79 -4.79
N LEU C 262 -0.84 5.83 -4.97
CA LEU C 262 -0.93 4.66 -4.09
C LEU C 262 0.32 3.80 -4.21
N LEU C 263 0.67 3.41 -5.43
CA LEU C 263 1.87 2.61 -5.67
C LEU C 263 3.15 3.42 -5.50
N GLY C 264 3.15 4.67 -5.96
CA GLY C 264 4.30 5.54 -5.81
C GLY C 264 4.66 5.80 -4.36
N SER C 265 3.65 5.93 -3.50
CA SER C 265 3.84 6.11 -2.06
C SER C 265 4.53 4.91 -1.46
N LEU C 266 4.02 3.73 -1.80
CA LEU C 266 4.55 2.49 -1.27
C LEU C 266 5.97 2.23 -1.78
N ALA C 267 6.21 2.51 -3.06
CA ALA C 267 7.56 2.43 -3.62
C ALA C 267 8.52 3.33 -2.82
N HIS C 268 8.07 4.53 -2.51
CA HIS C 268 8.84 5.45 -1.67
C HIS C 268 9.19 4.82 -0.30
N GLN C 269 8.18 4.28 0.38
CA GLN C 269 8.37 3.70 1.71
C GLN C 269 9.29 2.45 1.71
N ILE C 270 9.20 1.66 0.64
CA ILE C 270 10.03 0.46 0.46
C ILE C 270 11.50 0.82 0.32
N TYR C 271 11.79 1.83 -0.49
CA TYR C 271 13.16 2.26 -0.69
C TYR C 271 13.72 2.96 0.54
N ARG C 272 12.86 3.67 1.25
CA ARG C 272 13.20 4.23 2.56
C ARG C 272 13.61 3.11 3.52
N MET C 273 12.80 2.05 3.59
CA MET C 273 13.15 0.91 4.45
C MET C 273 14.50 0.32 4.05
N MET C 274 14.70 0.12 2.75
CA MET C 274 15.99 -0.34 2.22
C MET C 274 17.19 0.51 2.64
N CYS C 275 17.01 1.83 2.69
CA CYS C 275 18.08 2.73 3.13
C CYS C 275 18.51 2.49 4.57
N ALA C 276 17.59 2.01 5.40
CA ALA C 276 17.86 1.75 6.81
C ALA C 276 18.26 0.30 7.07
N LYS C 277 18.25 -0.53 6.02
CA LYS C 277 18.51 -1.95 6.17
C LYS C 277 19.74 -2.47 5.39
N GLY C 278 20.69 -1.57 5.12
CA GLY C 278 21.95 -1.95 4.50
C GLY C 278 22.00 -1.85 2.98
N TYR C 279 20.99 -1.23 2.37
CA TYR C 279 20.91 -1.14 0.90
C TYR C 279 21.30 0.22 0.32
N SER C 280 21.48 1.22 1.19
CA SER C 280 21.74 2.60 0.78
C SER C 280 22.78 2.76 -0.33
N LYS C 281 23.85 1.97 -0.28
CA LYS C 281 24.94 2.07 -1.28
C LYS C 281 24.86 1.06 -2.43
N LYS C 282 23.83 0.24 -2.42
CA LYS C 282 23.57 -0.71 -3.49
C LYS C 282 22.66 -0.09 -4.53
N ASP C 283 22.80 -0.57 -5.77
CA ASP C 283 21.91 -0.14 -6.85
C ASP C 283 20.47 -0.46 -6.50
N PHE C 284 19.55 0.42 -6.90
CA PHE C 284 18.14 0.33 -6.57
C PHE C 284 17.48 -0.99 -7.00
N SER C 285 18.08 -1.70 -7.97
CA SER C 285 17.51 -2.97 -8.43
C SER C 285 17.65 -4.05 -7.37
N SER C 286 18.50 -3.78 -6.38
CA SER C 286 18.64 -4.65 -5.18
C SER C 286 17.33 -4.88 -4.41
N VAL C 287 16.24 -4.25 -4.84
CA VAL C 287 14.95 -4.47 -4.19
C VAL C 287 14.56 -5.96 -4.27
N PHE C 288 15.01 -6.62 -5.34
CA PHE C 288 14.79 -8.04 -5.50
C PHE C 288 15.44 -8.81 -4.36
N GLN C 289 16.68 -8.47 -4.06
CA GLN C 289 17.44 -9.07 -2.97
C GLN C 289 16.77 -8.79 -1.63
N PHE C 290 16.28 -7.56 -1.47
CA PHE C 290 15.49 -7.19 -0.30
C PHE C 290 14.22 -8.04 -0.16
N LEU C 291 13.56 -8.37 -1.28
CA LEU C 291 12.35 -9.19 -1.21
C LEU C 291 12.62 -10.67 -0.99
N ARG C 292 13.76 -11.14 -1.47
CA ARG C 292 14.15 -12.55 -1.34
C ARG C 292 14.74 -12.88 0.03
N MET D 1 -19.51 -38.45 32.41
CA MET D 1 -19.63 -37.86 31.04
C MET D 1 -18.30 -37.30 30.54
N PRO D 2 -17.49 -38.14 29.86
CA PRO D 2 -16.18 -37.74 29.37
C PRO D 2 -16.21 -36.79 28.16
N VAL D 3 -15.20 -35.93 28.08
CA VAL D 3 -15.04 -35.02 26.94
C VAL D 3 -13.77 -35.40 26.19
N GLY D 4 -13.85 -35.42 24.87
CA GLY D 4 -12.68 -35.69 24.04
C GLY D 4 -11.87 -34.44 23.81
N PHE D 5 -10.55 -34.58 23.77
CA PHE D 5 -9.68 -33.47 23.42
C PHE D 5 -8.59 -33.92 22.45
N ILE D 6 -8.55 -33.27 21.29
CA ILE D 6 -7.59 -33.59 20.24
C ILE D 6 -6.70 -32.40 19.93
N GLY D 7 -5.40 -32.55 20.16
CA GLY D 7 -4.43 -31.48 19.95
C GLY D 7 -4.05 -30.84 21.26
N LEU D 8 -2.83 -31.11 21.73
CA LEU D 8 -2.37 -30.63 23.03
C LEU D 8 -1.08 -29.81 22.91
N GLY D 9 -1.09 -28.81 22.03
CA GLY D 9 0.03 -27.88 21.89
C GLY D 9 0.04 -26.85 23.00
N ASN D 10 0.71 -25.73 22.76
CA ASN D 10 0.82 -24.65 23.74
C ASN D 10 -0.53 -24.05 24.15
N MET D 11 -1.57 -24.33 23.37
CA MET D 11 -2.93 -23.87 23.66
C MET D 11 -3.81 -25.02 24.15
N GLY D 12 -3.76 -26.15 23.43
CA GLY D 12 -4.56 -27.33 23.77
C GLY D 12 -4.31 -27.87 25.17
N ASN D 13 -3.04 -27.93 25.55
CA ASN D 13 -2.62 -28.41 26.89
C ASN D 13 -3.29 -27.64 28.05
N PRO D 14 -3.08 -26.30 28.15
CA PRO D 14 -3.77 -25.57 29.22
C PRO D 14 -5.30 -25.54 29.12
N MET D 15 -5.84 -25.66 27.91
CA MET D 15 -7.29 -25.71 27.72
C MET D 15 -7.87 -26.99 28.33
N ALA D 16 -7.21 -28.13 28.03
CA ALA D 16 -7.60 -29.43 28.54
C ALA D 16 -7.51 -29.47 30.07
N LYS D 17 -6.47 -28.84 30.61
CA LYS D 17 -6.23 -28.78 32.05
C LYS D 17 -7.34 -28.03 32.79
N ASN D 18 -7.86 -26.98 32.17
CA ASN D 18 -8.97 -26.21 32.72
C ASN D 18 -10.30 -26.97 32.72
N LEU D 19 -10.45 -27.91 31.79
CA LEU D 19 -11.59 -28.81 31.79
C LEU D 19 -11.49 -29.81 32.95
N MET D 20 -10.27 -30.26 33.23
CA MET D 20 -10.01 -31.17 34.34
C MET D 20 -10.23 -30.48 35.69
N LYS D 21 -9.89 -29.18 35.75
CA LYS D 21 -10.12 -28.36 36.93
C LYS D 21 -11.61 -28.19 37.22
N HIS D 22 -12.43 -28.33 36.18
CA HIS D 22 -13.88 -28.25 36.32
C HIS D 22 -14.55 -29.63 36.51
N GLY D 23 -13.73 -30.68 36.57
CA GLY D 23 -14.20 -32.01 36.93
C GLY D 23 -14.52 -32.93 35.76
N TYR D 24 -14.17 -32.49 34.55
CA TYR D 24 -14.42 -33.28 33.35
C TYR D 24 -13.39 -34.39 33.14
N PRO D 25 -13.86 -35.64 33.01
CA PRO D 25 -13.00 -36.74 32.56
C PRO D 25 -12.66 -36.51 31.09
N LEU D 26 -11.42 -36.82 30.70
CA LEU D 26 -10.94 -36.51 29.36
C LEU D 26 -10.49 -37.74 28.58
N ILE D 27 -10.80 -37.75 27.29
CA ILE D 27 -10.28 -38.74 26.35
C ILE D 27 -9.37 -38.03 25.34
N ILE D 28 -8.10 -38.38 25.38
CA ILE D 28 -7.04 -37.58 24.77
C ILE D 28 -6.44 -38.21 23.52
N TYR D 29 -6.14 -37.35 22.53
CA TYR D 29 -5.26 -37.71 21.42
C TYR D 29 -4.42 -36.53 20.95
N ASP D 30 -3.15 -36.81 20.68
CA ASP D 30 -2.26 -35.90 19.95
C ASP D 30 -1.34 -36.77 19.10
N VAL D 31 -0.99 -36.28 17.91
CA VAL D 31 -0.09 -37.02 17.01
C VAL D 31 1.29 -37.23 17.66
N PHE D 32 1.64 -36.35 18.59
CA PHE D 32 2.85 -36.49 19.40
C PHE D 32 2.53 -37.20 20.72
N PRO D 33 2.99 -38.46 20.87
CA PRO D 33 2.71 -39.24 22.08
C PRO D 33 3.31 -38.62 23.34
N ASP D 34 4.40 -37.87 23.19
CA ASP D 34 5.07 -37.19 24.31
C ASP D 34 4.21 -36.11 24.94
N ALA D 35 3.35 -35.48 24.12
CA ALA D 35 2.43 -34.45 24.59
C ALA D 35 1.24 -35.05 25.35
N CYS D 36 1.08 -36.36 25.28
CA CYS D 36 -0.02 -37.07 25.93
C CYS D 36 0.37 -37.67 27.28
N LYS D 37 1.66 -37.94 27.46
CA LYS D 37 2.18 -38.60 28.67
C LYS D 37 1.82 -37.89 29.97
N GLU D 38 1.85 -36.56 29.94
CA GLU D 38 1.50 -35.70 31.06
C GLU D 38 0.10 -35.98 31.60
N PHE D 39 -0.84 -36.17 30.67
CA PHE D 39 -2.25 -36.39 30.99
C PHE D 39 -2.54 -37.83 31.40
N GLN D 40 -1.78 -38.77 30.83
CA GLN D 40 -1.89 -40.18 31.16
C GLN D 40 -1.43 -40.44 32.59
N ASP D 41 -0.39 -39.71 33.01
CA ASP D 41 0.16 -39.81 34.37
C ASP D 41 -0.82 -39.33 35.44
N ALA D 42 -1.96 -38.77 35.02
CA ALA D 42 -2.91 -38.14 35.93
C ALA D 42 -4.34 -38.69 35.85
N GLY D 43 -4.50 -39.85 35.21
CA GLY D 43 -5.78 -40.54 35.20
C GLY D 43 -6.74 -40.21 34.06
N GLU D 44 -6.23 -39.55 33.02
CA GLU D 44 -7.02 -39.29 31.82
C GLU D 44 -6.74 -40.39 30.79
N GLN D 45 -7.76 -40.77 30.03
CA GLN D 45 -7.62 -41.85 29.07
C GLN D 45 -7.02 -41.35 27.76
N VAL D 46 -5.85 -41.89 27.41
CA VAL D 46 -5.18 -41.57 26.16
C VAL D 46 -5.46 -42.69 25.16
N VAL D 47 -5.95 -42.31 23.98
CA VAL D 47 -6.24 -43.27 22.90
C VAL D 47 -5.33 -43.07 21.68
N SER D 48 -5.50 -43.92 20.67
CA SER D 48 -4.55 -44.00 19.55
C SER D 48 -4.92 -43.17 18.31
N SER D 49 -6.18 -42.75 18.22
CA SER D 49 -6.67 -41.98 17.06
C SER D 49 -7.81 -41.05 17.45
N PRO D 50 -8.08 -40.02 16.62
CA PRO D 50 -9.28 -39.18 16.79
C PRO D 50 -10.58 -39.99 16.70
N ALA D 51 -10.59 -41.01 15.85
CA ALA D 51 -11.72 -41.94 15.76
C ALA D 51 -11.98 -42.62 17.10
N ASP D 52 -10.89 -43.05 17.76
CA ASP D 52 -10.96 -43.69 19.06
C ASP D 52 -11.46 -42.75 20.16
N VAL D 53 -11.19 -41.45 20.00
CA VAL D 53 -11.74 -40.42 20.89
C VAL D 53 -13.26 -40.37 20.71
N ALA D 54 -13.71 -40.31 19.46
CA ALA D 54 -15.14 -40.25 19.10
C ALA D 54 -15.91 -41.49 19.52
N GLU D 55 -15.21 -42.62 19.59
CA GLU D 55 -15.78 -43.90 19.99
C GLU D 55 -16.20 -43.89 21.47
N LYS D 56 -15.55 -43.04 22.27
CA LYS D 56 -15.75 -43.02 23.71
C LYS D 56 -16.31 -41.70 24.28
N ALA D 57 -16.33 -40.65 23.46
CA ALA D 57 -16.82 -39.34 23.91
C ALA D 57 -17.87 -38.76 22.96
N ASP D 58 -18.96 -38.25 23.54
CA ASP D 58 -20.04 -37.61 22.78
C ASP D 58 -19.88 -36.08 22.65
N ARG D 59 -18.85 -35.55 23.28
CA ARG D 59 -18.45 -34.15 23.10
C ARG D 59 -16.94 -34.08 22.92
N ILE D 60 -16.50 -33.46 21.83
CA ILE D 60 -15.08 -33.42 21.49
C ILE D 60 -14.65 -32.00 21.13
N ILE D 61 -13.50 -31.61 21.66
CA ILE D 61 -12.87 -30.35 21.30
C ILE D 61 -11.59 -30.66 20.48
N THR D 62 -11.51 -30.12 19.27
CA THR D 62 -10.29 -30.19 18.46
C THR D 62 -9.57 -28.84 18.48
N MET D 63 -8.26 -28.89 18.69
CA MET D 63 -7.43 -27.68 18.74
C MET D 63 -6.16 -27.92 17.94
N LEU D 64 -6.19 -27.53 16.66
CA LEU D 64 -5.13 -27.85 15.73
C LEU D 64 -4.52 -26.62 15.06
N PRO D 65 -3.22 -26.69 14.68
CA PRO D 65 -2.50 -25.53 14.17
C PRO D 65 -2.90 -25.02 12.78
N THR D 66 -3.50 -25.87 11.94
CA THR D 66 -3.69 -25.54 10.53
C THR D 66 -4.99 -26.10 9.94
N SER D 67 -5.41 -25.55 8.80
CA SER D 67 -6.55 -26.06 8.03
C SER D 67 -6.36 -27.53 7.68
N ILE D 68 -5.16 -27.89 7.22
CA ILE D 68 -4.86 -29.26 6.81
C ILE D 68 -4.93 -30.26 7.96
N ASN D 69 -4.35 -29.92 9.10
CA ASN D 69 -4.41 -30.77 10.29
C ASN D 69 -5.85 -30.95 10.77
N ALA D 70 -6.63 -29.88 10.68
CA ALA D 70 -8.02 -29.91 11.09
C ALA D 70 -8.85 -30.87 10.23
N ILE D 71 -8.73 -30.78 8.91
CA ILE D 71 -9.48 -31.67 8.01
C ILE D 71 -9.02 -33.13 8.13
N GLU D 72 -7.74 -33.32 8.43
CA GLU D 72 -7.18 -34.66 8.64
C GLU D 72 -7.77 -35.28 9.91
N ALA D 73 -7.93 -34.47 10.94
CA ALA D 73 -8.48 -34.93 12.21
C ALA D 73 -9.96 -35.32 12.11
N TYR D 74 -10.67 -34.70 11.18
CA TYR D 74 -12.08 -35.03 10.94
C TYR D 74 -12.27 -36.04 9.80
N SER D 75 -11.71 -35.74 8.62
CA SER D 75 -11.97 -36.52 7.39
C SER D 75 -10.86 -37.48 7.00
N GLY D 76 -9.79 -37.53 7.79
CA GLY D 76 -8.66 -38.43 7.52
C GLY D 76 -9.01 -39.90 7.66
N ALA D 77 -8.05 -40.76 7.33
CA ALA D 77 -8.22 -42.22 7.35
C ALA D 77 -8.67 -42.74 8.71
N ASN D 78 -8.17 -42.11 9.78
CA ASN D 78 -8.56 -42.47 11.13
C ASN D 78 -9.16 -41.26 11.84
N GLY D 79 -9.83 -40.43 11.05
CA GLY D 79 -10.43 -39.19 11.54
C GLY D 79 -11.70 -39.44 12.33
N ILE D 80 -12.15 -38.39 13.02
CA ILE D 80 -13.33 -38.45 13.88
C ILE D 80 -14.55 -39.05 13.17
N LEU D 81 -14.73 -38.70 11.91
CA LEU D 81 -15.91 -39.13 11.15
C LEU D 81 -16.01 -40.64 10.90
N LYS D 82 -14.90 -41.35 11.03
CA LYS D 82 -14.90 -42.81 10.83
C LYS D 82 -15.67 -43.54 11.93
N LYS D 83 -15.74 -42.93 13.11
CA LYS D 83 -16.36 -43.58 14.28
C LYS D 83 -17.30 -42.67 15.07
N VAL D 84 -17.65 -41.51 14.52
CA VAL D 84 -18.52 -40.57 15.22
C VAL D 84 -19.95 -41.12 15.35
N LYS D 85 -20.51 -40.98 16.56
CA LYS D 85 -21.86 -41.46 16.82
C LYS D 85 -22.89 -40.35 16.59
N LYS D 86 -24.12 -40.77 16.25
CA LYS D 86 -25.24 -39.85 16.06
C LYS D 86 -25.45 -38.95 17.27
N GLY D 87 -25.71 -37.67 17.02
CA GLY D 87 -26.00 -36.72 18.08
C GLY D 87 -24.79 -36.17 18.81
N SER D 88 -23.60 -36.53 18.35
CA SER D 88 -22.36 -36.03 18.95
C SER D 88 -22.15 -34.55 18.64
N LEU D 89 -21.58 -33.83 19.63
CA LEU D 89 -21.24 -32.41 19.53
C LEU D 89 -19.74 -32.28 19.27
N LEU D 90 -19.41 -31.71 18.13
CA LEU D 90 -18.01 -31.54 17.76
C LEU D 90 -17.71 -30.05 17.66
N ILE D 91 -16.70 -29.62 18.42
CA ILE D 91 -16.32 -28.22 18.48
C ILE D 91 -14.87 -28.05 18.02
N ASP D 92 -14.66 -27.32 16.93
CA ASP D 92 -13.31 -27.07 16.48
C ASP D 92 -12.84 -25.67 16.87
N SER D 93 -11.85 -25.64 17.75
CA SER D 93 -11.33 -24.39 18.25
C SER D 93 -10.10 -23.92 17.49
N SER D 94 -9.69 -24.72 16.50
CA SER D 94 -8.66 -24.31 15.53
C SER D 94 -9.08 -23.04 14.82
N THR D 95 -8.10 -22.23 14.42
CA THR D 95 -8.35 -21.08 13.55
C THR D 95 -8.09 -21.49 12.12
N ILE D 96 -9.15 -21.57 11.33
CA ILE D 96 -9.09 -22.07 9.97
C ILE D 96 -10.02 -21.26 9.05
N ASP D 97 -9.89 -21.49 7.74
CA ASP D 97 -10.74 -20.85 6.76
C ASP D 97 -12.22 -21.12 7.07
N PRO D 98 -13.06 -20.05 7.10
CA PRO D 98 -14.51 -20.17 7.32
C PRO D 98 -15.14 -21.20 6.40
N ALA D 99 -14.72 -21.21 5.14
CA ALA D 99 -15.25 -22.13 4.12
C ALA D 99 -14.94 -23.59 4.45
N VAL D 100 -13.79 -23.82 5.07
CA VAL D 100 -13.38 -25.17 5.48
C VAL D 100 -14.25 -25.67 6.64
N SER D 101 -14.55 -24.76 7.57
CA SER D 101 -15.48 -25.03 8.67
C SER D 101 -16.85 -25.47 8.15
N LYS D 102 -17.33 -24.78 7.11
CA LYS D 102 -18.61 -25.10 6.47
C LYS D 102 -18.60 -26.47 5.82
N GLU D 103 -17.51 -26.77 5.09
CA GLU D 103 -17.33 -28.05 4.43
C GLU D 103 -17.29 -29.18 5.47
N LEU D 104 -16.54 -28.95 6.55
CA LEU D 104 -16.45 -29.90 7.64
C LEU D 104 -17.83 -30.13 8.27
N ALA D 105 -18.58 -29.05 8.47
CA ALA D 105 -19.93 -29.12 9.03
C ALA D 105 -20.88 -29.98 8.19
N LYS D 106 -20.81 -29.82 6.87
CA LYS D 106 -21.63 -30.60 5.94
C LYS D 106 -21.32 -32.09 6.06
N GLU D 107 -20.05 -32.41 6.26
CA GLU D 107 -19.59 -33.78 6.41
C GLU D 107 -20.02 -34.44 7.72
N VAL D 108 -19.91 -33.72 8.83
CA VAL D 108 -20.35 -34.27 10.13
C VAL D 108 -21.87 -34.41 10.17
N GLU D 109 -22.56 -33.57 9.41
CA GLU D 109 -24.01 -33.58 9.33
C GLU D 109 -24.50 -34.85 8.64
N LYS D 110 -23.78 -35.27 7.59
CA LYS D 110 -24.06 -36.52 6.89
C LYS D 110 -24.02 -37.69 7.86
N MET D 111 -23.17 -37.58 8.89
CA MET D 111 -23.04 -38.59 9.93
C MET D 111 -24.03 -38.39 11.09
N GLY D 112 -24.96 -37.47 10.91
CA GLY D 112 -25.99 -37.20 11.92
C GLY D 112 -25.47 -36.54 13.19
N ALA D 113 -24.33 -35.87 13.09
CA ALA D 113 -23.73 -35.16 14.22
C ALA D 113 -23.75 -33.65 13.96
N VAL D 114 -23.34 -32.88 14.96
CA VAL D 114 -23.33 -31.42 14.88
C VAL D 114 -21.91 -30.84 14.99
N PHE D 115 -21.57 -29.93 14.09
CA PHE D 115 -20.28 -29.25 14.09
C PHE D 115 -20.45 -27.78 14.46
N MET D 116 -19.53 -27.29 15.29
CA MET D 116 -19.45 -25.86 15.60
C MET D 116 -18.00 -25.38 15.54
N ASP D 117 -17.78 -24.25 14.86
CA ASP D 117 -16.47 -23.59 14.91
C ASP D 117 -16.43 -22.67 16.14
N ALA D 118 -15.37 -22.82 16.93
CA ALA D 118 -15.17 -21.96 18.10
C ALA D 118 -13.72 -21.52 18.28
N PRO D 119 -13.18 -20.76 17.30
CA PRO D 119 -11.80 -20.29 17.43
C PRO D 119 -11.61 -19.37 18.63
N VAL D 120 -10.41 -19.39 19.20
CA VAL D 120 -10.13 -18.64 20.43
C VAL D 120 -9.25 -17.42 20.21
N SER D 121 -9.52 -16.36 20.96
CA SER D 121 -8.53 -15.30 21.09
C SER D 121 -8.11 -15.16 22.55
N GLY D 122 -6.82 -14.97 22.77
CA GLY D 122 -6.32 -14.74 24.12
C GLY D 122 -4.87 -15.12 24.32
N GLY D 123 -4.46 -16.26 23.77
CA GLY D 123 -3.10 -16.72 23.98
C GLY D 123 -2.91 -17.62 25.19
N VAL D 124 -1.68 -18.12 25.32
CA VAL D 124 -1.27 -19.11 26.32
C VAL D 124 -1.64 -18.74 27.75
N GLY D 125 -1.54 -17.44 28.06
CA GLY D 125 -1.88 -16.91 29.38
C GLY D 125 -3.37 -17.08 29.68
N ALA D 126 -4.21 -16.61 28.75
CA ALA D 126 -5.66 -16.74 28.87
C ALA D 126 -6.11 -18.21 28.80
N ALA D 127 -5.40 -19.00 28.00
CA ALA D 127 -5.64 -20.45 27.90
C ALA D 127 -5.43 -21.14 29.23
N ARG D 128 -4.37 -20.75 29.93
CA ARG D 128 -4.04 -21.29 31.25
C ARG D 128 -5.01 -20.84 32.33
N SER D 129 -5.31 -19.54 32.36
CA SER D 129 -6.19 -18.97 33.37
C SER D 129 -7.67 -19.27 33.14
N GLY D 130 -8.03 -19.62 31.91
CA GLY D 130 -9.41 -19.87 31.52
C GLY D 130 -10.13 -18.58 31.17
N ASN D 131 -9.37 -17.62 30.64
CA ASN D 131 -9.90 -16.31 30.27
C ASN D 131 -9.99 -16.08 28.75
N LEU D 132 -10.07 -17.18 28.00
CA LEU D 132 -10.14 -17.08 26.54
C LEU D 132 -11.49 -16.56 26.07
N THR D 133 -11.48 -15.99 24.87
CA THR D 133 -12.71 -15.63 24.17
C THR D 133 -12.98 -16.69 23.11
N PHE D 134 -14.18 -17.27 23.14
CA PHE D 134 -14.61 -18.18 22.10
C PHE D 134 -15.63 -17.48 21.23
N MET D 135 -15.36 -17.52 19.93
CA MET D 135 -16.25 -16.98 18.91
C MET D 135 -16.87 -18.17 18.19
N VAL D 136 -18.18 -18.36 18.37
CA VAL D 136 -18.85 -19.62 18.06
C VAL D 136 -19.84 -19.51 16.90
N GLY D 137 -19.62 -20.32 15.87
CA GLY D 137 -20.57 -20.45 14.76
C GLY D 137 -21.26 -21.81 14.75
N GLY D 138 -22.47 -21.85 14.23
CA GLY D 138 -23.26 -23.08 14.14
C GLY D 138 -24.74 -22.89 14.41
N VAL D 139 -25.49 -23.99 14.42
CA VAL D 139 -26.91 -23.98 14.74
C VAL D 139 -27.09 -23.48 16.17
N GLU D 140 -27.89 -22.44 16.35
CA GLU D 140 -28.02 -21.77 17.66
C GLU D 140 -28.66 -22.62 18.75
N ASP D 141 -29.46 -23.61 18.34
CA ASP D 141 -30.03 -24.59 19.27
C ASP D 141 -28.94 -25.28 20.08
N GLU D 142 -27.78 -25.47 19.46
CA GLU D 142 -26.69 -26.20 20.08
C GLU D 142 -25.72 -25.32 20.86
N PHE D 143 -25.88 -24.01 20.77
CA PHE D 143 -24.95 -23.06 21.41
C PHE D 143 -24.89 -23.21 22.92
N ALA D 144 -26.06 -23.30 23.55
CA ALA D 144 -26.17 -23.47 25.01
C ALA D 144 -25.40 -24.69 25.51
N ALA D 145 -25.52 -25.81 24.79
CA ALA D 145 -24.78 -27.03 25.10
C ALA D 145 -23.27 -26.80 24.98
N ALA D 146 -22.86 -26.15 23.89
CA ALA D 146 -21.46 -25.82 23.63
C ALA D 146 -20.89 -24.90 24.70
N GLN D 147 -21.70 -23.92 25.10
CA GLN D 147 -21.28 -22.93 26.09
C GLN D 147 -20.96 -23.54 27.45
N GLU D 148 -21.66 -24.62 27.79
CA GLU D 148 -21.38 -25.38 29.01
C GLU D 148 -19.94 -25.88 29.05
N LEU D 149 -19.47 -26.41 27.93
CA LEU D 149 -18.10 -26.92 27.80
C LEU D 149 -17.08 -25.79 27.70
N LEU D 150 -17.34 -24.85 26.79
CA LEU D 150 -16.38 -23.78 26.48
C LEU D 150 -16.21 -22.81 27.63
N GLY D 151 -17.28 -22.60 28.39
CA GLY D 151 -17.25 -21.75 29.59
C GLY D 151 -16.25 -22.19 30.65
N CYS D 152 -15.86 -23.46 30.60
CA CYS D 152 -14.86 -23.99 31.51
C CYS D 152 -13.44 -23.62 31.09
N MET D 153 -13.29 -23.18 29.83
CA MET D 153 -11.98 -22.87 29.26
C MET D 153 -11.83 -21.40 28.91
N GLY D 154 -12.94 -20.68 28.90
CA GLY D 154 -12.95 -19.26 28.55
C GLY D 154 -13.89 -18.41 29.39
N SER D 155 -13.61 -17.11 29.42
CA SER D 155 -14.39 -16.15 30.20
C SER D 155 -15.52 -15.53 29.37
N ASN D 156 -15.33 -15.46 28.06
CA ASN D 156 -16.36 -15.00 27.14
C ASN D 156 -16.61 -16.03 26.03
N VAL D 157 -17.87 -16.38 25.83
CA VAL D 157 -18.27 -17.27 24.76
C VAL D 157 -19.38 -16.60 24.00
N VAL D 158 -19.11 -16.24 22.75
CA VAL D 158 -20.02 -15.41 21.98
C VAL D 158 -20.54 -16.15 20.75
N TYR D 159 -21.86 -16.17 20.61
CA TYR D 159 -22.51 -16.72 19.42
C TYR D 159 -22.41 -15.75 18.26
N CYS D 160 -21.81 -16.19 17.17
CA CYS D 160 -21.53 -15.33 16.02
C CYS D 160 -22.48 -15.55 14.85
N GLY D 161 -23.23 -16.65 14.88
CA GLY D 161 -24.14 -16.98 13.79
C GLY D 161 -23.92 -18.40 13.31
N ALA D 162 -24.20 -18.63 12.03
CA ALA D 162 -24.07 -19.95 11.41
C ALA D 162 -22.60 -20.40 11.34
N VAL D 163 -22.37 -21.67 10.98
CA VAL D 163 -21.01 -22.22 10.93
C VAL D 163 -20.10 -21.35 10.06
N GLY D 164 -18.90 -21.07 10.57
CA GLY D 164 -17.92 -20.27 9.86
C GLY D 164 -17.89 -18.83 10.33
N THR D 165 -18.94 -18.40 11.02
CA THR D 165 -19.02 -17.04 11.52
C THR D 165 -18.05 -16.77 12.67
N GLY D 166 -17.75 -17.82 13.44
CA GLY D 166 -16.75 -17.74 14.49
C GLY D 166 -15.40 -17.45 13.88
N GLN D 167 -15.02 -18.26 12.89
CA GLN D 167 -13.78 -18.06 12.12
C GLN D 167 -13.73 -16.67 11.49
N ALA D 168 -14.87 -16.25 10.91
CA ALA D 168 -14.99 -14.95 10.28
C ALA D 168 -14.74 -13.79 11.25
N ALA D 169 -15.37 -13.85 12.43
CA ALA D 169 -15.18 -12.81 13.44
C ALA D 169 -13.74 -12.74 13.91
N LYS D 170 -13.12 -13.90 14.14
CA LYS D 170 -11.74 -13.95 14.60
C LYS D 170 -10.77 -13.38 13.57
N ILE D 171 -10.96 -13.80 12.32
CA ILE D 171 -10.15 -13.33 11.20
C ILE D 171 -10.24 -11.80 10.98
N CYS D 172 -11.44 -11.25 11.15
CA CYS D 172 -11.66 -9.83 10.98
C CYS D 172 -11.05 -9.04 12.14
N ASN D 173 -11.19 -9.56 13.37
CA ASN D 173 -10.55 -8.94 14.52
C ASN D 173 -9.04 -8.83 14.36
N ASN D 174 -8.41 -9.96 14.04
CA ASN D 174 -6.96 -10.01 13.87
C ASN D 174 -6.42 -9.17 12.71
N MET D 175 -7.19 -9.08 11.63
CA MET D 175 -6.84 -8.16 10.55
C MET D 175 -6.80 -6.71 11.05
N LEU D 176 -7.85 -6.27 11.75
CA LEU D 176 -7.87 -4.94 12.34
C LEU D 176 -6.76 -4.73 13.39
N LEU D 177 -6.52 -5.74 14.22
CA LEU D 177 -5.40 -5.73 15.14
C LEU D 177 -4.05 -5.45 14.41
N ALA D 178 -3.79 -6.22 13.35
CA ALA D 178 -2.54 -6.06 12.61
C ALA D 178 -2.39 -4.66 12.03
N ILE D 179 -3.46 -4.16 11.39
CA ILE D 179 -3.50 -2.80 10.84
C ILE D 179 -3.20 -1.75 11.91
N SER D 180 -3.84 -1.88 13.07
CA SER D 180 -3.67 -0.92 14.15
C SER D 180 -2.32 -1.03 14.85
N MET D 181 -1.81 -2.25 15.01
CA MET D 181 -0.48 -2.46 15.58
C MET D 181 0.62 -1.84 14.69
N ILE D 182 0.55 -2.12 13.40
CA ILE D 182 1.47 -1.50 12.46
C ILE D 182 1.31 0.03 12.48
N GLY D 183 0.05 0.48 12.51
CA GLY D 183 -0.28 1.91 12.55
C GLY D 183 0.35 2.57 13.74
N THR D 184 0.20 1.94 14.90
CA THR D 184 0.79 2.39 16.17
C THR D 184 2.31 2.46 16.08
N ALA D 185 2.93 1.39 15.59
CA ALA D 185 4.37 1.36 15.35
C ALA D 185 4.81 2.53 14.45
N GLU D 186 4.07 2.76 13.36
CA GLU D 186 4.38 3.81 12.37
C GLU D 186 4.28 5.20 12.99
N ALA D 187 3.21 5.42 13.74
CA ALA D 187 2.95 6.71 14.36
C ALA D 187 3.92 6.99 15.50
N MET D 188 4.18 5.98 16.34
CA MET D 188 5.20 6.10 17.38
C MET D 188 6.59 6.38 16.80
N ASN D 189 6.98 5.64 15.77
CA ASN D 189 8.29 5.84 15.15
C ASN D 189 8.44 7.24 14.52
N LEU D 190 7.42 7.69 13.79
CA LEU D 190 7.39 9.02 13.20
C LEU D 190 7.53 10.06 14.31
N GLY D 191 6.74 9.87 15.37
CA GLY D 191 6.74 10.75 16.52
C GLY D 191 8.12 10.91 17.14
N ILE D 192 8.77 9.77 17.39
CA ILE D 192 10.13 9.78 17.93
C ILE D 192 11.09 10.46 16.96
N ARG D 193 10.99 10.14 15.67
CA ARG D 193 11.88 10.76 14.69
C ARG D 193 11.63 12.26 14.55
N LEU D 194 10.42 12.69 14.91
CA LEU D 194 10.07 14.10 14.97
C LEU D 194 10.54 14.79 16.26
N GLY D 195 11.11 14.01 17.17
CA GLY D 195 11.70 14.54 18.38
C GLY D 195 10.80 14.46 19.61
N LEU D 196 9.76 13.65 19.62
CA LEU D 196 8.86 13.43 20.75
C LEU D 196 9.33 12.30 21.66
N ASP D 197 9.14 12.50 22.90
CA ASP D 197 9.33 11.47 23.89
C ASP D 197 8.23 10.42 23.70
N PRO D 198 8.62 9.14 23.55
CA PRO D 198 7.65 8.08 23.23
C PRO D 198 6.56 7.95 24.30
N LYS D 199 6.95 8.06 25.56
CA LYS D 199 6.00 8.00 26.67
C LYS D 199 4.96 9.11 26.60
N LEU D 200 5.41 10.31 26.25
CA LEU D 200 4.48 11.41 26.02
C LEU D 200 3.53 11.13 24.85
N LEU D 201 3.97 10.68 23.78
CA LEU D 201 3.14 10.38 22.61
C LEU D 201 2.19 9.22 22.90
N ALA D 202 2.64 8.23 23.54
CA ALA D 202 1.69 7.18 23.93
C ALA D 202 0.55 7.75 24.78
N LYS D 203 0.90 8.60 25.75
CA LYS D 203 -0.08 9.30 26.58
C LYS D 203 -1.09 10.09 25.74
N ILE D 204 -0.59 10.85 24.75
CA ILE D 204 -1.46 11.59 23.84
C ILE D 204 -2.35 10.67 22.99
N LEU D 205 -1.76 9.63 22.41
CA LEU D 205 -2.55 8.66 21.63
C LEU D 205 -3.66 8.06 22.47
N ASN D 206 -3.33 7.70 23.70
CA ASN D 206 -4.26 7.00 24.58
C ASN D 206 -5.31 7.88 25.24
N MET D 207 -5.23 9.20 25.04
CA MET D 207 -6.31 10.08 25.49
C MET D 207 -7.05 10.71 24.30
N SER D 208 -6.68 10.29 23.09
CA SER D 208 -7.21 10.88 21.86
C SER D 208 -7.89 9.85 20.95
N SER D 209 -8.27 10.31 19.76
CA SER D 209 -8.97 9.47 18.78
C SER D 209 -8.09 8.36 18.17
N GLY D 210 -6.78 8.44 18.40
CA GLY D 210 -5.86 7.38 17.99
C GLY D 210 -5.83 6.17 18.91
N ARG D 211 -6.43 6.29 20.10
CA ARG D 211 -6.47 5.23 21.12
CA ARG D 211 -6.41 5.21 21.10
C ARG D 211 -6.90 3.88 20.54
N CYS D 212 -6.11 2.84 20.78
CA CYS D 212 -6.50 1.47 20.42
C CYS D 212 -5.86 0.51 21.42
N TRP D 213 -6.28 -0.76 21.36
CA TRP D 213 -5.74 -1.81 22.19
C TRP D 213 -4.20 -1.90 22.04
N SER D 214 -3.72 -1.83 20.81
CA SER D 214 -2.30 -1.82 20.51
C SER D 214 -1.54 -0.75 21.28
N SER D 215 -2.07 0.46 21.33
CA SER D 215 -1.36 1.57 21.94
C SER D 215 -1.53 1.65 23.45
N ASP D 216 -2.70 1.26 23.95
CA ASP D 216 -3.00 1.39 25.40
C ASP D 216 -2.85 0.12 26.24
N THR D 217 -2.73 -1.03 25.58
CA THR D 217 -2.70 -2.33 26.25
C THR D 217 -1.47 -3.17 25.88
N TYR D 218 -0.84 -2.89 24.74
CA TYR D 218 0.17 -3.77 24.17
C TYR D 218 1.20 -2.95 23.39
N ASN D 219 1.58 -1.80 23.96
CA ASN D 219 2.40 -0.84 23.22
C ASN D 219 3.73 -1.43 22.72
N PRO D 220 4.01 -1.31 21.41
CA PRO D 220 5.17 -1.93 20.76
C PRO D 220 6.52 -1.25 21.01
N VAL D 221 6.53 -0.13 21.73
CA VAL D 221 7.78 0.59 21.97
C VAL D 221 8.32 0.19 23.33
N PRO D 222 9.54 -0.36 23.38
CA PRO D 222 10.15 -0.73 24.66
C PRO D 222 10.29 0.47 25.61
N GLY D 223 9.91 0.26 26.86
CA GLY D 223 9.98 1.30 27.89
C GLY D 223 8.67 2.03 28.12
N VAL D 224 7.72 1.92 27.20
CA VAL D 224 6.45 2.64 27.35
C VAL D 224 5.52 1.98 28.38
N MET D 225 5.35 0.66 28.23
CA MET D 225 4.51 -0.11 29.15
C MET D 225 5.31 -1.22 29.76
N ASP D 226 5.00 -1.57 31.00
CA ASP D 226 5.46 -2.82 31.59
C ASP D 226 4.54 -3.97 31.18
N GLY D 227 5.04 -5.19 31.30
CA GLY D 227 4.21 -6.39 31.20
C GLY D 227 3.75 -6.74 29.80
N VAL D 228 4.40 -6.26 28.70
CA VAL D 228 4.08 -6.49 27.30
C VAL D 228 5.37 -7.00 26.64
N PRO D 229 5.28 -7.67 25.60
CA PRO D 229 6.47 -8.22 24.93
C PRO D 229 7.58 -7.23 24.56
N SER D 230 7.23 -6.00 24.20
CA SER D 230 8.24 -4.95 23.93
C SER D 230 9.11 -4.63 25.15
N ALA D 231 8.64 -5.01 26.34
CA ALA D 231 9.40 -4.83 27.58
C ALA D 231 10.51 -5.87 27.72
N ASN D 232 10.42 -6.91 26.91
CA ASN D 232 11.21 -8.13 27.08
C ASN D 232 11.74 -8.63 25.73
N ASN D 233 12.17 -7.71 24.88
CA ASN D 233 12.72 -8.05 23.57
C ASN D 233 11.77 -8.91 22.70
N TYR D 234 10.47 -8.63 22.81
CA TYR D 234 9.44 -9.29 22.00
C TYR D 234 9.40 -10.81 22.17
N GLN D 235 9.82 -11.30 23.32
CA GLN D 235 9.72 -12.73 23.63
C GLN D 235 8.27 -13.10 23.95
N GLY D 236 7.90 -14.34 23.61
CA GLY D 236 6.57 -14.86 23.92
C GLY D 236 5.46 -14.14 23.19
N GLY D 237 4.35 -13.92 23.88
CA GLY D 237 3.21 -13.23 23.29
C GLY D 237 2.60 -13.99 22.13
N PHE D 238 2.18 -13.25 21.12
CA PHE D 238 1.53 -13.81 19.94
C PHE D 238 2.51 -13.75 18.78
N GLY D 239 2.97 -14.92 18.36
CA GLY D 239 4.03 -15.03 17.37
C GLY D 239 3.77 -14.42 16.00
N THR D 240 4.79 -13.77 15.45
CA THR D 240 4.75 -13.18 14.10
C THR D 240 4.30 -14.19 13.03
N THR D 241 4.74 -15.45 13.15
CA THR D 241 4.29 -16.51 12.23
C THR D 241 2.79 -16.73 12.33
N LEU D 242 2.24 -16.64 13.54
CA LEU D 242 0.82 -16.86 13.78
C LEU D 242 0.00 -15.69 13.22
N MET D 243 0.45 -14.47 13.49
CA MET D 243 -0.17 -13.28 12.90
C MET D 243 -0.23 -13.36 11.36
N ALA D 244 0.91 -13.67 10.75
CA ALA D 244 0.98 -13.87 9.30
C ALA D 244 0.01 -14.95 8.78
N LYS D 245 -0.09 -16.08 9.49
CA LYS D 245 -1.08 -17.11 9.14
C LYS D 245 -2.50 -16.54 9.15
N ASP D 246 -2.89 -15.88 10.23
CA ASP D 246 -4.21 -15.28 10.34
C ASP D 246 -4.49 -14.27 9.23
N LEU D 247 -3.46 -13.49 8.87
CA LEU D 247 -3.62 -12.49 7.80
C LEU D 247 -3.71 -13.15 6.44
N GLY D 248 -3.07 -14.31 6.30
CA GLY D 248 -3.25 -15.17 5.13
C GLY D 248 -4.70 -15.63 4.96
N LEU D 249 -5.35 -15.95 6.06
CA LEU D 249 -6.76 -16.33 6.05
C LEU D 249 -7.62 -15.12 5.68
N ALA D 250 -7.31 -13.96 6.24
CA ALA D 250 -8.02 -12.71 5.92
C ALA D 250 -7.90 -12.43 4.43
N GLN D 251 -6.68 -12.52 3.93
CA GLN D 251 -6.42 -12.26 2.52
C GLN D 251 -7.22 -13.21 1.61
N ASP D 252 -7.18 -14.52 1.91
CA ASP D 252 -7.92 -15.52 1.11
C ASP D 252 -9.42 -15.28 1.12
N SER D 253 -9.96 -14.93 2.30
CA SER D 253 -11.38 -14.62 2.43
C SER D 253 -11.78 -13.33 1.72
N ALA D 254 -10.85 -12.37 1.68
CA ALA D 254 -11.13 -11.07 1.06
C ALA D 254 -11.16 -11.20 -0.46
N THR D 255 -10.29 -12.05 -1.00
CA THR D 255 -10.32 -12.36 -2.43
C THR D 255 -11.60 -13.11 -2.77
N SER D 256 -11.87 -14.17 -2.00
CA SER D 256 -13.06 -15.01 -2.19
C SER D 256 -14.37 -14.21 -2.17
N THR D 257 -14.49 -13.28 -1.23
CA THR D 257 -15.69 -12.45 -1.10
C THR D 257 -15.60 -11.14 -1.87
N LYS D 258 -14.50 -10.95 -2.59
CA LYS D 258 -14.24 -9.73 -3.37
C LYS D 258 -14.41 -8.46 -2.52
N SER D 259 -13.80 -8.50 -1.33
CA SER D 259 -13.81 -7.37 -0.41
C SER D 259 -12.46 -6.67 -0.53
N PRO D 260 -12.48 -5.36 -0.89
CA PRO D 260 -11.23 -4.58 -0.98
C PRO D 260 -10.61 -4.34 0.39
N ILE D 261 -9.37 -4.78 0.55
CA ILE D 261 -8.61 -4.56 1.78
C ILE D 261 -7.23 -3.96 1.50
N LEU D 262 -7.19 -2.65 1.26
CA LEU D 262 -5.93 -1.97 0.96
C LEU D 262 -4.95 -2.08 2.13
N LEU D 263 -5.38 -1.66 3.32
CA LEU D 263 -4.50 -1.69 4.50
C LEU D 263 -4.26 -3.12 4.99
N GLY D 264 -5.31 -3.95 4.98
CA GLY D 264 -5.20 -5.35 5.38
C GLY D 264 -4.24 -6.18 4.53
N SER D 265 -4.22 -5.92 3.22
CA SER D 265 -3.28 -6.59 2.31
C SER D 265 -1.84 -6.23 2.62
N LEU D 266 -1.63 -4.96 2.92
CA LEU D 266 -0.32 -4.40 3.19
C LEU D 266 0.20 -4.90 4.54
N ALA D 267 -0.67 -4.91 5.54
CA ALA D 267 -0.38 -5.55 6.84
C ALA D 267 0.08 -6.99 6.67
N HIS D 268 -0.59 -7.72 5.78
CA HIS D 268 -0.28 -9.12 5.49
C HIS D 268 1.13 -9.23 4.92
N GLN D 269 1.43 -8.39 3.92
CA GLN D 269 2.70 -8.49 3.21
C GLN D 269 3.84 -8.09 4.14
N ILE D 270 3.56 -7.15 5.04
CA ILE D 270 4.53 -6.63 6.01
C ILE D 270 4.93 -7.71 7.01
N TYR D 271 3.94 -8.43 7.54
CA TYR D 271 4.22 -9.54 8.45
C TYR D 271 4.85 -10.75 7.74
N ARG D 272 4.49 -10.93 6.46
CA ARG D 272 5.18 -11.91 5.60
C ARG D 272 6.65 -11.59 5.45
N MET D 273 6.95 -10.33 5.19
CA MET D 273 8.33 -9.87 5.11
C MET D 273 9.07 -10.12 6.41
N MET D 274 8.45 -9.76 7.52
CA MET D 274 9.04 -9.96 8.83
C MET D 274 9.33 -11.44 9.12
N CYS D 275 8.52 -12.36 8.59
CA CYS D 275 8.80 -13.80 8.74
C CYS D 275 10.10 -14.24 8.06
N ALA D 276 10.43 -13.58 6.95
CA ALA D 276 11.65 -13.87 6.20
C ALA D 276 12.87 -13.13 6.75
N LYS D 277 12.67 -12.22 7.70
CA LYS D 277 13.76 -11.37 8.19
C LYS D 277 14.13 -11.61 9.65
N GLY D 278 13.74 -12.76 10.21
CA GLY D 278 14.17 -13.10 11.58
C GLY D 278 13.19 -12.74 12.68
N TYR D 279 11.96 -12.39 12.32
CA TYR D 279 10.93 -12.02 13.30
C TYR D 279 9.92 -13.12 13.56
N SER D 280 10.03 -14.22 12.80
CA SER D 280 9.03 -15.30 12.85
C SER D 280 8.69 -15.80 14.27
N LYS D 281 9.70 -15.81 15.15
CA LYS D 281 9.51 -16.28 16.52
C LYS D 281 9.31 -15.16 17.55
N LYS D 282 9.34 -13.91 17.08
CA LYS D 282 9.11 -12.77 17.96
C LYS D 282 7.63 -12.40 17.99
N ASP D 283 7.16 -11.90 19.13
CA ASP D 283 5.81 -11.34 19.19
C ASP D 283 5.58 -10.36 18.04
N PHE D 284 4.36 -10.35 17.52
CA PHE D 284 4.00 -9.56 16.38
C PHE D 284 4.18 -8.03 16.57
N SER D 285 4.23 -7.58 17.83
CA SER D 285 4.40 -6.15 18.10
C SER D 285 5.83 -5.69 17.76
N SER D 286 6.71 -6.65 17.45
CA SER D 286 8.06 -6.38 16.96
C SER D 286 8.11 -5.63 15.63
N VAL D 287 6.97 -5.45 14.97
CA VAL D 287 6.91 -4.59 13.78
C VAL D 287 7.53 -3.20 14.03
N PHE D 288 7.42 -2.68 15.26
CA PHE D 288 8.08 -1.41 15.63
C PHE D 288 9.60 -1.48 15.46
N GLN D 289 10.19 -2.58 15.92
CA GLN D 289 11.62 -2.85 15.75
C GLN D 289 12.00 -3.00 14.26
N PHE D 290 11.11 -3.64 13.50
CA PHE D 290 11.26 -3.76 12.05
C PHE D 290 11.26 -2.39 11.35
N LEU D 291 10.42 -1.48 11.83
CA LEU D 291 10.29 -0.14 11.23
C LEU D 291 11.39 0.82 11.66
N ARG D 292 11.69 0.83 12.96
CA ARG D 292 12.61 1.83 13.49
C ARG D 292 14.06 1.63 13.03
N GLU D 293 14.75 2.76 12.88
CA GLU D 293 16.14 2.77 12.47
C GLU D 293 16.98 3.23 13.65
N GLU D 294 17.67 2.29 14.30
CA GLU D 294 18.52 2.60 15.45
C GLU D 294 19.44 3.80 15.21
#